data_9CJJ
#
_entry.id   9CJJ
#
_cell.length_a   1.00
_cell.length_b   1.00
_cell.length_c   1.00
_cell.angle_alpha   90.00
_cell.angle_beta   90.00
_cell.angle_gamma   90.00
#
_symmetry.space_group_name_H-M   'P 1'
#
loop_
_entity.id
_entity.type
_entity.pdbx_description
1 polymer 'guide RNA (25-MER)'
2 polymer 'CRISPR-associated endonuclease Cas12a'
3 polymer 'Non-target DNA strand'
4 polymer 'Target DNA strand'
#
loop_
_entity_poly.entity_id
_entity_poly.type
_entity_poly.pdbx_seq_one_letter_code
_entity_poly.pdbx_strand_id
1 'polyribonucleotide' UUUAAUUUCUACUCUUGUAGAUAGCAGAGUAGACAUACGCAG B
2 'polypeptide(L)'
;SNAMTQFEGFTNLYQVSKTLRFELIPQGKTLKHIQEQGFIEEDKARNDHYKELKPIIDRIYKTYADQCLQLVQLDWENLS
AAIDSYRKEKTEETRNALIEEQATYRNAIHDYFIGRTDNLTDAINKRHAEIYKGLFKAELFNGKVLKQLGTVTTTEHENA
LLRSFDKFTTYFSGFYENRKNVFSAEDISTAIPHRIVQDNFPKFKENCHIFTRLITAVPSLREHFENVKKAIGIFVSTSI
EEVFSFPFYNQLLTQTQIDLYNQLLGGISREAGTEKIKGLNEVLNLAIQKNDETAHIIASLPHRFIPLFKQILSDRNTLS
FILEEFKSDEEVIQSFCKYKTLLRNENVLETAEALFNELNSIDLTHIFISHKKLETISSALCDHWDTLRNALYERRISEL
TGKITKSAKEKVQRSLKHEDINLQEIISAAGKELSEAFKQKTSEILSHAHAALDQPLPTTLKKQEEKEILKSQLDSLLGL
YHLLDWFAVDESNEVDPEFSARLTGIKLEMEPSLSFYNKARNYATKKPYSVEKFKLNFQMPTLASGWDVNKEKCNGAILF
VKNGLYYLGIMPKQKGRYKALSFEPTEKTSEGFDKMYYDYFPDAAKMIPKCSTQLKAVTAHFQTHTTPILLSNNFIEPLE
ITKEIYDLNNPEKEPKKFQTAYAKKTGDQKGYREALCKWIDFTRDFLSKYTKTTSIDLSSLRPSSQYKDLGEYYAELNPL
LYHISFQRIAEKEIMDAVETGKLYLFQIYNKDFAKGHHGKPNLHTLYWTGLFSPENLAKTSIKLNGQAELFYRPKSRMKR
MAHRLGEKMLNKKLKDQKTPIPDTLYQELYDYVNHRLSHDLSDEARALLPNVITKEVSHEIIKDRRFTSDKFFFHVPITL
NYQAANSPSKFNQRVNAYLKEHPETPIIGIDRGERNLIYITVIDSTGKILEQRSLNTIQQFDYQKKLDNREKERVAARQA
WSVVGTIKDLKQGYLSQVIHEIVDLMIHYQAVVVLENLNFGFKSKRTGIAEKAVYQQFEKMLIDKLNCLVLKDYPAEKVG
GVLNPYQLTDQFTSFAKMGTQSGFLFYVPAPYTSKIDPLTGFVDPFVWKTIKNHESRKHFLEGFDFLHYDVKTGDFILHF
KMNRNLSFQRGLPGFMPAWDIVFEKNETQFDAKGTPFIAGKRIVPVIENHRFTGRYRDLYPANELIALLEEKGIVFRDGS
NILPKLLENDDSHAIDTMVALIRSVLQMRNSNAATGEDYINSPVRDLNGVCFDSRFQNPEWPMDADANGAYHIALKGQLL
LNHLKESKDLKLQNGISNQDWLAYIQELRN
;
A
3 'polydeoxyribonucleotide'
;(DG)(DT)(DA)(DG)(DT)(DG)(2YR)(DT)(DT)(DT)(DG)(DT)(DC)(DG)(DT)(DC)(DT)(DC)(DA)
(DT)(DC)(DT)(DG)(DT)(DA)(DT)(DG)(DC)(DG)(DT)(DC)
;
C
4 'polydeoxyribonucleotide'
;(DG)(DA)(DC)(DG)(DC)(DA)(DT)(DA)(DC)(DA)(DG)(DA)(DT)(DG)(DA)(DG)(DA)(DC)(DG)(DA)
(DC)(DA)(DA)(DA)(DG)(DC)(DA)(DC)(DT)(DA)(DC)
;
D
#
# COMPACT_ATOMS: atom_id res chain seq x y z
N THR B 5 4.63 34.73 7.67
CA THR B 5 4.76 33.28 7.61
C THR B 5 6.20 32.88 7.34
N GLN B 6 6.70 31.91 8.11
CA GLN B 6 8.07 31.45 7.99
C GLN B 6 8.09 29.93 7.82
N PHE B 7 9.10 29.45 7.08
CA PHE B 7 9.24 28.01 6.87
C PHE B 7 9.54 27.30 8.19
N GLU B 8 10.29 27.96 9.08
CA GLU B 8 10.54 27.40 10.40
C GLU B 8 9.29 27.39 11.28
N GLY B 9 8.23 28.06 10.85
CA GLY B 9 6.98 28.08 11.60
C GLY B 9 6.08 26.89 11.37
N PHE B 10 6.50 25.91 10.58
CA PHE B 10 5.71 24.72 10.30
C PHE B 10 6.01 23.63 11.33
N THR B 11 5.67 23.92 12.58
CA THR B 11 5.88 22.98 13.67
C THR B 11 4.77 23.15 14.69
N ASN B 12 4.55 22.11 15.49
CA ASN B 12 3.55 22.12 16.55
C ASN B 12 2.16 22.45 16.02
N LEU B 13 1.75 21.75 14.96
CA LEU B 13 0.46 22.00 14.33
C LEU B 13 -0.57 20.92 14.61
N TYR B 14 -0.17 19.65 14.69
CA TYR B 14 -1.08 18.60 15.07
C TYR B 14 -0.30 17.51 15.78
N GLN B 15 -1.00 16.80 16.67
CA GLN B 15 -0.39 15.71 17.42
C GLN B 15 -0.08 14.54 16.50
N VAL B 16 1.08 13.93 16.70
CA VAL B 16 1.47 12.72 16.00
C VAL B 16 1.87 11.67 17.03
N SER B 17 1.36 10.46 16.87
CA SER B 17 1.60 9.38 17.81
C SER B 17 2.55 8.35 17.20
N LYS B 18 3.63 8.07 17.92
CA LYS B 18 4.59 7.05 17.53
C LYS B 18 4.83 6.14 18.72
N THR B 19 4.96 4.84 18.45
CA THR B 19 5.22 3.86 19.49
C THR B 19 6.64 3.34 19.32
N LEU B 20 7.48 3.59 20.31
CA LEU B 20 8.85 3.10 20.29
C LEU B 20 8.90 1.66 20.80
N ARG B 21 9.86 0.90 20.28
CA ARG B 21 10.07 -0.47 20.69
C ARG B 21 11.49 -0.66 21.18
N PHE B 22 11.64 -1.41 22.26
CA PHE B 22 12.95 -1.64 22.86
C PHE B 22 13.04 -3.09 23.30
N GLU B 23 14.25 -3.51 23.63
CA GLU B 23 14.51 -4.85 24.14
C GLU B 23 14.78 -4.78 25.64
N LEU B 24 14.15 -5.68 26.39
CA LEU B 24 14.28 -5.73 27.83
C LEU B 24 15.28 -6.83 28.21
N ILE B 25 16.31 -6.45 28.94
CA ILE B 25 17.34 -7.37 29.42
C ILE B 25 17.09 -7.58 30.92
N PRO B 26 16.84 -8.82 31.35
CA PRO B 26 16.65 -9.06 32.79
C PRO B 26 17.87 -8.64 33.59
N GLN B 27 17.63 -8.03 34.74
CA GLN B 27 18.68 -7.52 35.61
C GLN B 27 18.71 -8.30 36.91
N GLY B 28 19.92 -8.61 37.37
CA GLY B 28 20.08 -9.39 38.58
C GLY B 28 19.59 -10.81 38.40
N LYS B 29 18.55 -11.19 39.15
CA LYS B 29 17.96 -12.51 39.03
C LYS B 29 16.46 -12.44 38.77
N THR B 30 15.99 -11.38 38.11
CA THR B 30 14.57 -11.31 37.77
C THR B 30 14.18 -12.36 36.75
N LEU B 31 15.13 -12.81 35.92
CA LEU B 31 14.86 -13.91 35.01
C LEU B 31 14.62 -15.20 35.77
N LYS B 32 15.39 -15.42 36.84
CA LYS B 32 15.23 -16.62 37.66
C LYS B 32 13.87 -16.63 38.34
N HIS B 33 13.43 -15.49 38.85
CA HIS B 33 12.12 -15.41 39.50
C HIS B 33 11.00 -15.66 38.52
N ILE B 34 11.12 -15.13 37.31
CA ILE B 34 10.08 -15.33 36.29
C ILE B 34 9.98 -16.81 35.93
N GLN B 35 11.11 -17.47 35.73
CA GLN B 35 11.10 -18.89 35.41
C GLN B 35 10.51 -19.72 36.54
N GLU B 36 10.85 -19.38 37.78
CA GLU B 36 10.32 -20.13 38.92
C GLU B 36 8.81 -20.00 39.01
N GLN B 37 8.28 -18.80 38.80
CA GLN B 37 6.84 -18.60 38.80
C GLN B 37 6.17 -19.06 37.51
N GLY B 38 6.94 -19.30 36.45
CA GLY B 38 6.38 -19.77 35.20
C GLY B 38 5.47 -18.77 34.51
N PHE B 39 5.88 -17.50 34.46
CA PHE B 39 5.07 -16.50 33.80
C PHE B 39 5.10 -16.67 32.28
N ILE B 40 6.28 -16.90 31.71
CA ILE B 40 6.40 -17.01 30.25
C ILE B 40 5.67 -18.25 29.76
N GLU B 41 5.81 -19.38 30.46
CA GLU B 41 5.12 -20.59 30.05
C GLU B 41 3.61 -20.42 30.13
N GLU B 42 3.13 -19.77 31.18
CA GLU B 42 1.69 -19.54 31.32
C GLU B 42 1.17 -18.64 30.22
N ASP B 43 1.92 -17.59 29.87
CA ASP B 43 1.51 -16.71 28.79
C ASP B 43 1.65 -17.39 27.43
N LYS B 44 2.62 -18.29 27.29
CA LYS B 44 2.72 -19.07 26.06
C LYS B 44 1.51 -19.98 25.89
N ALA B 45 1.04 -20.58 26.98
CA ALA B 45 -0.18 -21.38 26.92
C ALA B 45 -1.38 -20.51 26.59
N ARG B 46 -1.43 -19.30 27.13
CA ARG B 46 -2.52 -18.38 26.81
C ARG B 46 -2.54 -18.04 25.33
N ASN B 47 -1.35 -17.95 24.71
CA ASN B 47 -1.28 -17.74 23.27
C ASN B 47 -1.88 -18.91 22.51
N ASP B 48 -1.53 -20.13 22.93
CA ASP B 48 -2.10 -21.32 22.29
C ASP B 48 -3.60 -21.44 22.57
N HIS B 49 -4.01 -21.09 23.78
CA HIS B 49 -5.44 -21.11 24.12
C HIS B 49 -6.21 -20.10 23.27
N TYR B 50 -5.64 -18.92 23.06
CA TYR B 50 -6.30 -17.90 22.25
C TYR B 50 -6.47 -18.38 20.80
N LYS B 51 -5.44 -19.03 20.26
CA LYS B 51 -5.51 -19.52 18.88
C LYS B 51 -6.46 -20.71 18.77
N GLU B 52 -6.46 -21.60 19.77
CA GLU B 52 -7.35 -22.76 19.73
C GLU B 52 -8.79 -22.35 19.93
N LEU B 53 -9.03 -21.20 20.56
CA LEU B 53 -10.38 -20.70 20.78
C LEU B 53 -10.89 -19.89 19.59
N LYS B 54 -10.02 -19.62 18.61
CA LYS B 54 -10.43 -18.90 17.40
C LYS B 54 -11.60 -19.54 16.67
N PRO B 55 -11.63 -20.85 16.40
CA PRO B 55 -12.81 -21.40 15.71
C PRO B 55 -13.95 -21.77 16.65
N ILE B 56 -13.65 -21.98 17.94
CA ILE B 56 -14.72 -22.28 18.89
C ILE B 56 -15.67 -21.09 19.02
N ILE B 57 -15.12 -19.89 19.13
CA ILE B 57 -15.96 -18.70 19.16
C ILE B 57 -16.62 -18.48 17.80
N ASP B 58 -15.87 -18.72 16.72
CA ASP B 58 -16.46 -18.64 15.38
C ASP B 58 -17.58 -19.65 15.22
N ARG B 59 -17.43 -20.83 15.82
CA ARG B 59 -18.52 -21.81 15.83
C ARG B 59 -19.72 -21.29 16.60
N ILE B 60 -19.51 -20.67 17.77
CA ILE B 60 -20.67 -20.18 18.58
C ILE B 60 -21.11 -18.86 17.96
N TYR B 61 -20.59 -18.57 16.77
CA TYR B 61 -20.88 -17.28 16.13
C TYR B 61 -21.87 -17.61 15.03
N LYS B 62 -21.79 -18.85 14.59
CA LYS B 62 -22.78 -19.30 13.60
C LYS B 62 -24.06 -19.62 14.35
N THR B 63 -23.91 -20.22 15.54
CA THR B 63 -25.20 -20.57 16.13
C THR B 63 -26.16 -19.38 16.12
N TYR B 64 -25.69 -18.22 16.58
CA TYR B 64 -26.56 -17.05 16.65
C TYR B 64 -27.01 -16.61 15.26
N ALA B 65 -26.09 -16.61 14.28
CA ALA B 65 -26.48 -16.24 12.93
C ALA B 65 -27.46 -17.24 12.34
N ASP B 66 -27.20 -18.54 12.56
CA ASP B 66 -28.11 -19.56 12.04
C ASP B 66 -29.49 -19.43 12.70
N GLN B 67 -29.53 -19.16 14.00
CA GLN B 67 -30.81 -19.01 14.69
C GLN B 67 -31.59 -17.81 14.17
N CYS B 68 -30.89 -16.70 13.91
CA CYS B 68 -31.57 -15.50 13.41
C CYS B 68 -32.09 -15.70 11.99
N LEU B 69 -31.39 -16.49 11.18
CA LEU B 69 -31.82 -16.72 9.81
C LEU B 69 -32.97 -17.71 9.70
N GLN B 70 -33.31 -18.41 10.78
CA GLN B 70 -34.41 -19.37 10.73
C GLN B 70 -35.78 -18.68 10.77
N LEU B 71 -35.85 -17.48 11.34
CA LEU B 71 -37.10 -16.75 11.47
C LEU B 71 -37.34 -15.77 10.31
N VAL B 72 -36.44 -15.72 9.33
CA VAL B 72 -36.55 -14.73 8.26
C VAL B 72 -37.67 -15.14 7.31
N GLN B 73 -38.68 -14.27 7.18
CA GLN B 73 -39.77 -14.45 6.22
C GLN B 73 -39.96 -13.13 5.50
N LEU B 74 -39.65 -13.09 4.20
CA LEU B 74 -39.76 -11.88 3.41
C LEU B 74 -40.48 -12.17 2.10
N ASP B 75 -41.00 -11.10 1.50
CA ASP B 75 -41.63 -11.16 0.18
C ASP B 75 -40.63 -10.64 -0.84
N TRP B 76 -40.06 -11.55 -1.62
CA TRP B 76 -39.00 -11.23 -2.57
C TRP B 76 -39.53 -10.75 -3.92
N GLU B 77 -40.82 -10.45 -4.01
CA GLU B 77 -41.39 -10.05 -5.30
C GLU B 77 -40.86 -8.69 -5.75
N ASN B 78 -40.66 -7.78 -4.81
CA ASN B 78 -40.15 -6.45 -5.17
C ASN B 78 -38.72 -6.54 -5.67
N LEU B 79 -37.89 -7.38 -5.04
CA LEU B 79 -36.50 -7.52 -5.48
C LEU B 79 -36.43 -8.13 -6.88
N SER B 80 -37.32 -9.09 -7.17
CA SER B 80 -37.32 -9.69 -8.51
C SER B 80 -37.69 -8.67 -9.57
N ALA B 81 -38.63 -7.78 -9.27
CA ALA B 81 -39.05 -6.79 -10.26
C ALA B 81 -37.94 -5.79 -10.53
N ALA B 82 -37.15 -5.44 -9.51
CA ALA B 82 -36.03 -4.54 -9.72
C ALA B 82 -34.92 -5.20 -10.54
N ILE B 83 -34.74 -6.51 -10.37
CA ILE B 83 -33.77 -7.23 -11.20
C ILE B 83 -34.25 -7.31 -12.64
N ASP B 84 -35.54 -7.57 -12.84
CA ASP B 84 -36.09 -7.66 -14.19
C ASP B 84 -35.99 -6.32 -14.91
N SER B 85 -36.31 -5.23 -14.22
CA SER B 85 -36.30 -3.92 -14.86
C SER B 85 -34.89 -3.49 -15.26
N TYR B 86 -33.88 -3.87 -14.49
CA TYR B 86 -32.51 -3.51 -14.85
C TYR B 86 -32.02 -4.33 -16.04
N ARG B 87 -32.39 -5.61 -16.10
CA ARG B 87 -32.06 -6.42 -17.28
C ARG B 87 -32.88 -5.99 -18.48
N LYS B 88 -34.09 -5.46 -18.26
CA LYS B 88 -34.95 -4.99 -19.34
C LYS B 88 -34.37 -3.72 -19.95
N GLU B 89 -34.38 -2.63 -19.19
CA GLU B 89 -33.76 -1.38 -19.59
C GLU B 89 -32.41 -1.22 -18.89
N LYS B 90 -31.36 -1.00 -19.67
CA LYS B 90 -30.01 -0.83 -19.13
C LYS B 90 -29.70 0.64 -18.85
N THR B 91 -30.59 1.32 -18.16
CA THR B 91 -30.43 2.73 -17.84
C THR B 91 -29.95 2.89 -16.41
N GLU B 92 -29.28 4.02 -16.15
CA GLU B 92 -28.74 4.31 -14.83
C GLU B 92 -29.83 4.50 -13.79
N GLU B 93 -31.07 4.78 -14.22
CA GLU B 93 -32.15 4.91 -13.25
C GLU B 93 -32.56 3.55 -12.69
N THR B 94 -32.60 2.53 -13.55
CA THR B 94 -32.94 1.19 -13.08
C THR B 94 -31.81 0.56 -12.27
N ARG B 95 -30.56 1.00 -12.52
CA ARG B 95 -29.45 0.50 -11.72
C ARG B 95 -29.53 1.03 -10.30
N ASN B 96 -29.72 2.35 -10.15
CA ASN B 96 -29.83 2.94 -8.82
C ASN B 96 -31.06 2.44 -8.10
N ALA B 97 -32.13 2.11 -8.83
CA ALA B 97 -33.32 1.53 -8.21
C ALA B 97 -33.01 0.14 -7.64
N LEU B 98 -32.21 -0.65 -8.36
CA LEU B 98 -31.84 -1.97 -7.87
C LEU B 98 -30.87 -1.87 -6.71
N ILE B 99 -29.94 -0.91 -6.76
CA ILE B 99 -28.98 -0.74 -5.67
C ILE B 99 -29.68 -0.37 -4.38
N GLU B 100 -30.69 0.51 -4.47
CA GLU B 100 -31.47 0.86 -3.28
C GLU B 100 -32.33 -0.31 -2.82
N GLU B 101 -32.91 -1.04 -3.77
CA GLU B 101 -33.75 -2.19 -3.41
C GLU B 101 -32.93 -3.26 -2.71
N GLN B 102 -31.70 -3.48 -3.16
CA GLN B 102 -30.82 -4.45 -2.50
C GLN B 102 -30.45 -3.98 -1.10
N ALA B 103 -30.15 -2.68 -0.95
CA ALA B 103 -29.82 -2.15 0.38
C ALA B 103 -30.99 -2.27 1.34
N THR B 104 -32.22 -2.14 0.83
CA THR B 104 -33.39 -2.31 1.68
C THR B 104 -33.52 -3.75 2.17
N TYR B 105 -33.30 -4.71 1.28
CA TYR B 105 -33.39 -6.11 1.68
C TYR B 105 -32.25 -6.51 2.61
N ARG B 106 -31.05 -5.96 2.38
CA ARG B 106 -29.93 -6.26 3.28
C ARG B 106 -30.21 -5.77 4.69
N ASN B 107 -30.84 -4.59 4.81
CA ASN B 107 -31.20 -4.10 6.14
C ASN B 107 -32.31 -4.93 6.76
N ALA B 108 -33.23 -5.46 5.95
CA ALA B 108 -34.28 -6.32 6.48
C ALA B 108 -33.70 -7.57 7.12
N ILE B 109 -32.65 -8.14 6.52
CA ILE B 109 -31.95 -9.25 7.14
C ILE B 109 -31.15 -8.78 8.35
N HIS B 110 -30.55 -7.59 8.24
CA HIS B 110 -29.75 -7.05 9.34
C HIS B 110 -30.58 -6.78 10.58
N ASP B 111 -31.85 -6.40 10.39
CA ASP B 111 -32.72 -6.12 11.54
C ASP B 111 -33.04 -7.38 12.33
N TYR B 112 -32.92 -8.56 11.72
CA TYR B 112 -33.03 -9.80 12.49
C TYR B 112 -31.83 -10.00 13.42
N PHE B 113 -30.64 -9.60 12.95
CA PHE B 113 -29.42 -9.73 13.78
C PHE B 113 -29.39 -8.59 14.80
N ILE B 114 -29.42 -7.35 14.32
CA ILE B 114 -29.49 -6.18 15.25
C ILE B 114 -30.37 -5.13 14.55
N GLY B 115 -31.70 -5.28 14.66
CA GLY B 115 -32.62 -4.37 13.95
C GLY B 115 -32.70 -3.01 14.59
N ARG B 116 -32.82 -2.96 15.93
CA ARG B 116 -33.01 -1.65 16.61
C ARG B 116 -34.06 -0.89 15.81
N THR B 117 -35.04 -1.61 15.25
CA THR B 117 -36.06 -0.98 14.38
C THR B 117 -37.47 -1.23 14.93
N ASP B 118 -38.49 -0.93 14.14
CA ASP B 118 -39.90 -1.10 14.60
C ASP B 118 -40.56 -2.21 13.77
N ASN B 119 -39.90 -2.63 12.68
CA ASN B 119 -40.48 -3.69 11.80
C ASN B 119 -40.63 -4.99 12.61
N LEU B 120 -39.60 -5.35 13.39
CA LEU B 120 -39.68 -6.57 14.23
C LEU B 120 -40.18 -6.17 15.63
N THR B 121 -41.07 -6.98 16.22
CA THR B 121 -41.57 -6.69 17.59
C THR B 121 -40.36 -6.63 18.54
N ASP B 122 -40.33 -5.61 19.41
CA ASP B 122 -39.17 -5.43 20.33
C ASP B 122 -38.99 -6.70 21.16
N ALA B 123 -40.09 -7.32 21.59
CA ALA B 123 -39.99 -8.60 22.33
C ALA B 123 -38.90 -9.45 21.67
N ILE B 124 -38.78 -9.39 20.34
CA ILE B 124 -37.76 -10.15 19.63
C ILE B 124 -36.66 -9.23 19.14
N ASN B 125 -37.02 -8.01 18.71
CA ASN B 125 -36.04 -7.09 18.16
C ASN B 125 -35.04 -6.63 19.20
N LYS B 126 -35.50 -6.38 20.43
CA LYS B 126 -34.60 -5.92 21.49
C LYS B 126 -33.75 -7.05 22.06
N ARG B 127 -34.24 -8.30 21.99
CA ARG B 127 -33.46 -9.42 22.50
C ARG B 127 -32.19 -9.65 21.70
N HIS B 128 -32.22 -9.36 20.39
CA HIS B 128 -31.02 -9.50 19.58
C HIS B 128 -29.98 -8.43 19.91
N ALA B 129 -30.43 -7.23 20.27
CA ALA B 129 -29.49 -6.16 20.60
C ALA B 129 -28.71 -6.47 21.87
N GLU B 130 -29.37 -7.11 22.84
CA GLU B 130 -28.68 -7.50 24.07
C GLU B 130 -27.61 -8.55 23.82
N ILE B 131 -27.72 -9.31 22.73
CA ILE B 131 -26.72 -10.30 22.37
C ILE B 131 -25.62 -9.69 21.50
N TYR B 132 -26.01 -8.90 20.49
CA TYR B 132 -25.02 -8.31 19.60
C TYR B 132 -24.13 -7.30 20.32
N LYS B 133 -24.61 -6.72 21.41
CA LYS B 133 -23.79 -5.77 22.17
C LYS B 133 -22.59 -6.46 22.79
N GLY B 134 -22.84 -7.53 23.55
CA GLY B 134 -21.77 -8.28 24.18
C GLY B 134 -21.29 -9.45 23.33
N LEU B 135 -21.56 -9.35 22.02
CA LEU B 135 -20.99 -10.35 21.09
C LEU B 135 -19.59 -9.81 20.84
N PHE B 136 -19.42 -8.52 21.17
CA PHE B 136 -18.09 -7.87 21.05
C PHE B 136 -17.73 -7.38 22.45
N LYS B 137 -18.11 -8.15 23.48
CA LYS B 137 -17.79 -7.78 24.90
C LYS B 137 -17.50 -9.06 25.69
N ALA B 138 -17.44 -8.95 27.03
CA ALA B 138 -17.09 -10.11 27.87
C ALA B 138 -18.18 -11.19 27.86
N GLU B 139 -19.41 -10.83 27.49
CA GLU B 139 -20.54 -11.80 27.55
C GLU B 139 -20.13 -13.14 26.93
N LEU B 140 -19.34 -13.12 25.84
CA LEU B 140 -18.91 -14.37 25.17
C LEU B 140 -18.49 -15.42 26.21
N PHE B 141 -17.68 -15.02 27.20
CA PHE B 141 -17.19 -15.97 28.18
C PHE B 141 -18.07 -16.06 29.42
N ASN B 142 -18.98 -15.11 29.61
CA ASN B 142 -19.90 -15.16 30.75
C ASN B 142 -20.82 -16.36 30.68
N GLY B 143 -20.97 -16.99 29.51
CA GLY B 143 -22.07 -17.87 29.28
C GLY B 143 -23.40 -17.18 29.14
N LYS B 144 -23.44 -15.84 29.31
CA LYS B 144 -24.68 -15.10 29.18
C LYS B 144 -25.25 -15.20 27.77
N VAL B 145 -24.43 -14.93 26.77
CA VAL B 145 -24.88 -15.05 25.38
C VAL B 145 -25.32 -16.48 25.09
N LEU B 146 -24.57 -17.47 25.58
CA LEU B 146 -24.99 -18.85 25.50
C LEU B 146 -26.20 -19.13 26.37
N LYS B 147 -26.41 -18.35 27.44
CA LYS B 147 -27.63 -18.50 28.21
C LYS B 147 -28.85 -18.00 27.45
N GLN B 148 -28.68 -16.99 26.60
CA GLN B 148 -29.79 -16.58 25.74
C GLN B 148 -30.11 -17.64 24.70
N LEU B 149 -29.12 -18.45 24.34
CA LEU B 149 -29.30 -19.49 23.34
C LEU B 149 -29.63 -20.84 23.98
N THR B 153 -25.57 -25.67 24.03
CA THR B 153 -25.15 -25.97 25.38
C THR B 153 -23.63 -26.19 25.45
N THR B 154 -22.99 -25.52 26.39
CA THR B 154 -21.54 -25.59 26.55
C THR B 154 -21.15 -26.89 27.25
N THR B 155 -19.99 -27.42 26.85
CA THR B 155 -19.38 -28.58 27.49
C THR B 155 -18.33 -28.12 28.50
N GLU B 156 -17.96 -29.02 29.41
CA GLU B 156 -17.10 -28.64 30.53
C GLU B 156 -15.76 -28.09 30.06
N HIS B 157 -15.15 -28.74 29.06
CA HIS B 157 -13.87 -28.23 28.56
C HIS B 157 -14.04 -26.89 27.86
N GLU B 158 -15.16 -26.69 27.16
CA GLU B 158 -15.44 -25.38 26.58
C GLU B 158 -15.67 -24.35 27.68
N ASN B 159 -16.41 -24.72 28.72
CA ASN B 159 -16.59 -23.82 29.85
C ASN B 159 -15.25 -23.49 30.50
N ALA B 160 -14.36 -24.48 30.62
CA ALA B 160 -13.03 -24.22 31.15
C ALA B 160 -12.22 -23.32 30.22
N LEU B 161 -12.50 -23.38 28.91
CA LEU B 161 -11.81 -22.50 27.97
C LEU B 161 -12.35 -21.07 28.03
N LEU B 162 -13.65 -20.90 28.30
CA LEU B 162 -14.21 -19.56 28.43
C LEU B 162 -13.64 -18.84 29.65
N ARG B 163 -13.55 -19.54 30.79
CA ARG B 163 -13.04 -18.92 32.00
C ARG B 163 -11.55 -18.62 31.95
N SER B 164 -10.82 -19.18 30.98
CA SER B 164 -9.41 -18.85 30.82
C SER B 164 -9.21 -17.39 30.44
N PHE B 165 -10.27 -16.71 29.98
CA PHE B 165 -10.24 -15.30 29.65
C PHE B 165 -11.16 -14.50 30.57
N ASP B 166 -11.25 -14.92 31.83
CA ASP B 166 -11.96 -14.13 32.82
C ASP B 166 -11.15 -12.88 33.14
N LYS B 167 -11.84 -11.73 33.17
CA LYS B 167 -11.18 -10.42 33.32
C LYS B 167 -10.10 -10.21 32.27
N PHE B 168 -10.31 -10.74 31.07
CA PHE B 168 -9.31 -10.61 30.00
C PHE B 168 -9.93 -10.70 28.61
N THR B 169 -11.22 -10.41 28.44
CA THR B 169 -11.85 -10.53 27.13
C THR B 169 -11.39 -9.47 26.15
N THR B 170 -10.60 -8.48 26.59
CA THR B 170 -10.00 -7.52 25.67
C THR B 170 -8.96 -8.17 24.77
N TYR B 171 -8.56 -9.41 25.05
CA TYR B 171 -7.68 -10.15 24.15
C TYR B 171 -8.34 -10.39 22.80
N PHE B 172 -9.67 -10.39 22.74
CA PHE B 172 -10.41 -10.51 21.49
C PHE B 172 -10.77 -9.14 20.90
N SER B 173 -9.99 -8.11 21.19
CA SER B 173 -10.32 -6.77 20.71
C SER B 173 -10.26 -6.69 19.20
N GLY B 174 -9.11 -7.06 18.62
CA GLY B 174 -9.01 -7.07 17.17
C GLY B 174 -9.87 -8.12 16.51
N PHE B 175 -10.10 -9.24 17.20
CA PHE B 175 -11.01 -10.27 16.68
C PHE B 175 -12.44 -9.75 16.57
N TYR B 176 -12.86 -8.87 17.49
CA TYR B 176 -14.19 -8.28 17.39
C TYR B 176 -14.33 -7.48 16.11
N GLU B 177 -13.27 -6.78 15.70
CA GLU B 177 -13.32 -6.02 14.46
C GLU B 177 -13.39 -6.93 13.24
N ASN B 178 -12.67 -8.06 13.29
CA ASN B 178 -12.70 -9.00 12.18
C ASN B 178 -14.09 -9.61 12.00
N ARG B 179 -14.85 -9.74 13.09
CA ARG B 179 -16.20 -10.27 12.98
C ARG B 179 -17.21 -9.21 12.59
N LYS B 180 -16.95 -7.94 12.91
CA LYS B 180 -17.77 -6.87 12.35
C LYS B 180 -17.58 -6.77 10.85
N ASN B 181 -16.39 -7.08 10.35
CA ASN B 181 -16.16 -7.09 8.91
C ASN B 181 -16.94 -8.19 8.21
N VAL B 182 -17.42 -9.19 8.95
CA VAL B 182 -18.18 -10.27 8.34
C VAL B 182 -19.64 -9.86 8.14
N PHE B 183 -20.19 -9.07 9.06
CA PHE B 183 -21.57 -8.57 8.91
C PHE B 183 -21.56 -7.15 8.34
N SER B 184 -22.23 -6.20 9.01
CA SER B 184 -22.32 -4.78 8.55
C SER B 184 -23.44 -4.65 7.50
N ALA B 185 -23.88 -5.77 6.93
CA ALA B 185 -25.00 -5.76 5.95
C ALA B 185 -24.76 -4.70 4.88
N GLU B 186 -23.57 -4.70 4.26
CA GLU B 186 -23.28 -3.75 3.17
C GLU B 186 -23.07 -4.53 1.87
N ASP B 187 -22.68 -3.84 0.78
CA ASP B 187 -22.40 -4.52 -0.50
C ASP B 187 -21.14 -5.39 -0.31
N ILE B 188 -20.41 -5.21 0.79
CA ILE B 188 -19.22 -6.05 1.07
C ILE B 188 -19.61 -7.52 0.92
N SER B 189 -18.83 -8.28 0.14
CA SER B 189 -19.19 -9.70 -0.11
C SER B 189 -18.97 -10.53 1.15
N THR B 190 -18.28 -9.99 2.15
CA THR B 190 -17.99 -10.79 3.33
C THR B 190 -19.20 -11.02 4.21
N ALA B 191 -20.33 -10.38 3.92
CA ALA B 191 -21.46 -10.33 4.84
C ALA B 191 -22.52 -11.37 4.49
N ILE B 192 -23.32 -11.70 5.49
CA ILE B 192 -24.44 -12.63 5.37
C ILE B 192 -25.59 -11.99 4.61
N PRO B 193 -26.02 -10.75 4.93
CA PRO B 193 -27.10 -10.14 4.13
C PRO B 193 -26.77 -10.02 2.66
N HIS B 194 -25.52 -9.68 2.32
CA HIS B 194 -25.14 -9.58 0.91
C HIS B 194 -25.19 -10.94 0.23
N ARG B 195 -24.73 -11.99 0.91
CA ARG B 195 -24.79 -13.33 0.34
C ARG B 195 -26.22 -13.76 0.06
N ILE B 196 -27.17 -13.34 0.90
CA ILE B 196 -28.56 -13.73 0.72
C ILE B 196 -29.21 -12.93 -0.40
N VAL B 197 -29.00 -11.62 -0.40
CA VAL B 197 -29.74 -10.75 -1.31
C VAL B 197 -29.12 -10.73 -2.70
N GLN B 198 -27.80 -10.61 -2.79
CA GLN B 198 -27.14 -10.33 -4.07
C GLN B 198 -26.39 -11.51 -4.66
N ASP B 199 -26.26 -12.63 -3.93
CA ASP B 199 -25.57 -13.81 -4.44
C ASP B 199 -26.51 -14.97 -4.69
N ASN B 200 -27.24 -15.42 -3.66
CA ASN B 200 -28.02 -16.65 -3.81
C ASN B 200 -29.38 -16.41 -4.44
N PHE B 201 -30.03 -15.29 -4.11
CA PHE B 201 -31.37 -15.07 -4.66
C PHE B 201 -31.38 -14.91 -6.17
N PRO B 202 -30.49 -14.12 -6.79
CA PRO B 202 -30.45 -14.13 -8.27
C PRO B 202 -30.20 -15.51 -8.84
N LYS B 203 -29.45 -16.36 -8.13
CA LYS B 203 -29.31 -17.75 -8.55
C LYS B 203 -30.62 -18.51 -8.37
N PHE B 204 -31.25 -18.36 -7.21
CA PHE B 204 -32.53 -19.03 -6.97
C PHE B 204 -33.62 -18.50 -7.89
N LYS B 205 -33.65 -17.18 -8.11
CA LYS B 205 -34.63 -16.59 -9.01
C LYS B 205 -34.44 -17.12 -10.44
N GLU B 206 -33.20 -17.29 -10.87
CA GLU B 206 -32.94 -17.87 -12.18
C GLU B 206 -33.35 -19.33 -12.23
N ASN B 207 -33.18 -20.06 -11.12
CA ASN B 207 -33.58 -21.47 -11.10
C ASN B 207 -35.08 -21.63 -11.31
N CYS B 208 -35.88 -20.73 -10.73
CA CYS B 208 -37.32 -20.80 -10.93
C CYS B 208 -37.70 -20.54 -12.38
N HIS B 209 -36.96 -19.68 -13.08
CA HIS B 209 -37.27 -19.39 -14.48
C HIS B 209 -36.85 -20.56 -15.37
N ILE B 210 -35.69 -21.17 -15.08
CA ILE B 210 -35.28 -22.34 -15.83
C ILE B 210 -36.27 -23.48 -15.64
N PHE B 211 -36.82 -23.61 -14.43
CA PHE B 211 -37.75 -24.69 -14.14
C PHE B 211 -39.03 -24.57 -14.96
N THR B 212 -39.69 -23.41 -14.90
CA THR B 212 -40.98 -23.27 -15.55
C THR B 212 -40.86 -23.33 -17.07
N ARG B 213 -39.72 -22.90 -17.64
CA ARG B 213 -39.54 -23.00 -19.08
C ARG B 213 -39.44 -24.45 -19.53
N LEU B 214 -38.74 -25.28 -18.76
CA LEU B 214 -38.63 -26.70 -19.11
C LEU B 214 -39.95 -27.41 -18.94
N ILE B 215 -40.66 -27.13 -17.85
CA ILE B 215 -41.93 -27.82 -17.58
C ILE B 215 -42.99 -27.44 -18.60
N THR B 216 -42.96 -26.21 -19.09
CA THR B 216 -43.95 -25.80 -20.08
C THR B 216 -43.68 -26.47 -21.43
N ALA B 217 -42.41 -26.54 -21.83
CA ALA B 217 -42.08 -27.17 -23.11
C ALA B 217 -42.17 -28.69 -23.01
N VAL B 218 -41.61 -29.27 -21.95
CA VAL B 218 -41.65 -30.73 -21.76
C VAL B 218 -42.37 -31.01 -20.45
N PRO B 219 -43.70 -31.15 -20.46
CA PRO B 219 -44.43 -31.37 -19.20
C PRO B 219 -44.08 -32.68 -18.51
N SER B 220 -43.62 -33.69 -19.25
CA SER B 220 -43.23 -34.94 -18.64
C SER B 220 -42.06 -34.76 -17.68
N LEU B 221 -41.28 -33.69 -17.85
CA LEU B 221 -40.15 -33.42 -16.97
C LEU B 221 -40.60 -33.02 -15.56
N ARG B 222 -41.86 -32.63 -15.40
CA ARG B 222 -42.36 -32.23 -14.07
C ARG B 222 -42.43 -33.44 -13.15
N GLU B 223 -43.15 -34.49 -13.56
CA GLU B 223 -43.22 -35.70 -12.75
C GLU B 223 -41.84 -36.33 -12.59
N HIS B 224 -40.96 -36.14 -13.56
CA HIS B 224 -39.62 -36.71 -13.45
C HIS B 224 -38.78 -35.99 -12.40
N PHE B 225 -38.88 -34.66 -12.35
CA PHE B 225 -38.22 -33.91 -11.29
C PHE B 225 -38.79 -34.27 -9.91
N GLU B 226 -40.11 -34.46 -9.85
CA GLU B 226 -40.75 -34.81 -8.58
C GLU B 226 -40.27 -36.16 -8.06
N ASN B 227 -40.04 -37.11 -8.97
CA ASN B 227 -39.55 -38.42 -8.56
C ASN B 227 -38.14 -38.34 -7.99
N VAL B 228 -37.30 -37.47 -8.56
CA VAL B 228 -35.94 -37.32 -8.05
C VAL B 228 -35.97 -36.75 -6.63
N LYS B 229 -36.88 -35.81 -6.37
CA LYS B 229 -36.97 -35.24 -5.04
C LYS B 229 -37.48 -36.25 -4.03
N LYS B 230 -38.46 -37.07 -4.42
CA LYS B 230 -39.00 -38.08 -3.52
C LYS B 230 -38.03 -39.24 -3.31
N ALA B 231 -37.23 -39.57 -4.33
CA ALA B 231 -36.31 -40.69 -4.21
C ALA B 231 -35.13 -40.38 -3.30
N ILE B 232 -34.84 -39.11 -3.06
CA ILE B 232 -33.74 -38.75 -2.17
C ILE B 232 -34.21 -38.56 -0.73
N GLY B 233 -35.35 -37.89 -0.54
CA GLY B 233 -35.88 -37.64 0.78
C GLY B 233 -35.78 -36.20 1.25
N ILE B 234 -35.36 -35.29 0.39
CA ILE B 234 -35.21 -33.88 0.75
C ILE B 234 -36.52 -33.16 0.51
N PHE B 235 -36.88 -32.27 1.43
CA PHE B 235 -38.06 -31.41 1.32
C PHE B 235 -39.33 -32.26 1.13
N VAL B 236 -39.59 -33.11 2.13
CA VAL B 236 -40.73 -34.02 2.05
C VAL B 236 -42.04 -33.25 2.13
N SER B 237 -42.06 -32.12 2.83
CA SER B 237 -43.26 -31.32 3.01
C SER B 237 -43.44 -30.27 1.92
N THR B 238 -42.64 -30.32 0.87
CA THR B 238 -42.66 -29.29 -0.17
C THR B 238 -42.63 -29.97 -1.54
N SER B 239 -43.57 -29.59 -2.40
CA SER B 239 -43.61 -30.15 -3.74
C SER B 239 -42.49 -29.54 -4.60
N ILE B 240 -42.36 -30.05 -5.83
CA ILE B 240 -41.27 -29.61 -6.69
C ILE B 240 -41.57 -28.23 -7.27
N GLU B 241 -42.86 -27.88 -7.43
CA GLU B 241 -43.19 -26.55 -7.92
C GLU B 241 -42.94 -25.47 -6.87
N GLU B 242 -43.11 -25.83 -5.59
CA GLU B 242 -42.96 -24.85 -4.52
C GLU B 242 -41.48 -24.54 -4.25
N VAL B 243 -40.61 -25.53 -4.36
CA VAL B 243 -39.18 -25.26 -4.18
C VAL B 243 -38.64 -24.38 -5.30
N PHE B 244 -39.38 -24.26 -6.40
CA PHE B 244 -39.06 -23.30 -7.45
C PHE B 244 -40.04 -22.13 -7.46
N SER B 245 -40.55 -21.78 -6.29
CA SER B 245 -41.35 -20.57 -6.10
C SER B 245 -40.67 -19.68 -5.06
N PHE B 246 -40.94 -18.38 -5.15
CA PHE B 246 -40.24 -17.42 -4.29
C PHE B 246 -40.41 -17.68 -2.79
N PRO B 247 -41.58 -18.01 -2.26
CA PRO B 247 -41.70 -18.17 -0.79
C PRO B 247 -40.77 -19.22 -0.21
N PHE B 248 -40.32 -20.20 -1.00
CA PHE B 248 -39.45 -21.24 -0.46
C PHE B 248 -38.03 -20.74 -0.19
N TYR B 249 -37.63 -19.63 -0.82
CA TYR B 249 -36.29 -19.11 -0.61
C TYR B 249 -36.04 -18.66 0.82
N ASN B 250 -37.11 -18.35 1.56
CA ASN B 250 -36.96 -18.01 2.98
C ASN B 250 -36.42 -19.20 3.76
N GLN B 251 -36.69 -20.43 3.30
CA GLN B 251 -36.16 -21.64 3.91
C GLN B 251 -34.89 -22.13 3.22
N LEU B 252 -34.18 -21.23 2.53
CA LEU B 252 -32.90 -21.53 1.89
C LEU B 252 -31.85 -20.54 2.34
N LEU B 253 -31.92 -20.12 3.61
CA LEU B 253 -31.01 -19.13 4.15
C LEU B 253 -29.99 -19.70 5.13
N THR B 254 -30.08 -20.98 5.45
CA THR B 254 -29.13 -21.64 6.34
C THR B 254 -28.36 -22.70 5.56
N GLN B 255 -27.17 -23.03 6.06
CA GLN B 255 -26.26 -23.91 5.33
C GLN B 255 -26.86 -25.30 5.16
N THR B 256 -27.50 -25.83 6.21
CA THR B 256 -28.11 -27.16 6.10
C THR B 256 -29.18 -27.19 5.01
N GLN B 257 -29.95 -26.11 4.88
CA GLN B 257 -30.94 -26.03 3.83
C GLN B 257 -30.30 -25.77 2.47
N ILE B 258 -29.23 -24.96 2.44
CA ILE B 258 -28.52 -24.71 1.20
C ILE B 258 -27.83 -26.00 0.72
N ASP B 259 -27.29 -26.77 1.66
CA ASP B 259 -26.66 -28.04 1.30
C ASP B 259 -27.68 -29.03 0.73
N LEU B 260 -28.85 -29.13 1.38
CA LEU B 260 -29.89 -30.02 0.87
C LEU B 260 -30.39 -29.55 -0.49
N TYR B 261 -30.49 -28.24 -0.69
CA TYR B 261 -30.89 -27.71 -2.00
C TYR B 261 -29.86 -28.03 -3.06
N ASN B 262 -28.57 -27.88 -2.73
CA ASN B 262 -27.52 -28.19 -3.70
C ASN B 262 -27.44 -29.68 -3.98
N GLN B 263 -27.76 -30.53 -3.00
CA GLN B 263 -27.71 -31.96 -3.21
C GLN B 263 -28.92 -32.47 -4.00
N LEU B 264 -30.04 -31.75 -3.94
CA LEU B 264 -31.14 -32.03 -4.86
C LEU B 264 -30.71 -31.78 -6.30
N LEU B 265 -29.84 -30.79 -6.52
CA LEU B 265 -29.36 -30.49 -7.86
C LEU B 265 -28.20 -31.40 -8.25
N GLY B 266 -27.35 -31.77 -7.29
CA GLY B 266 -26.13 -32.49 -7.60
C GLY B 266 -26.15 -33.98 -7.30
N GLY B 267 -27.10 -34.42 -6.48
CA GLY B 267 -27.19 -35.82 -6.14
C GLY B 267 -26.28 -36.21 -5.00
N LYS B 327 4.69 -25.42 7.10
CA LYS B 327 5.50 -25.46 8.30
C LYS B 327 6.79 -26.25 8.16
N SER B 328 6.95 -27.07 7.13
CA SER B 328 8.16 -27.88 7.00
C SER B 328 8.52 -28.03 5.53
N ASP B 329 9.66 -28.69 5.29
CA ASP B 329 10.16 -28.85 3.93
C ASP B 329 9.38 -29.92 3.17
N GLU B 330 9.14 -31.07 3.80
CA GLU B 330 8.40 -32.15 3.17
C GLU B 330 6.90 -31.90 3.14
N GLU B 331 6.40 -30.93 3.92
CA GLU B 331 4.97 -30.65 3.91
C GLU B 331 4.52 -30.11 2.56
N VAL B 332 5.36 -29.31 1.90
CA VAL B 332 5.00 -28.80 0.59
C VAL B 332 5.10 -29.89 -0.47
N ILE B 333 5.94 -30.90 -0.24
CA ILE B 333 6.07 -31.97 -1.22
C ILE B 333 4.95 -33.00 -1.04
N GLN B 334 4.63 -33.35 0.21
CA GLN B 334 3.59 -34.33 0.45
C GLN B 334 2.21 -33.78 0.10
N SER B 335 1.97 -32.50 0.39
CA SER B 335 0.67 -31.91 0.10
C SER B 335 0.48 -31.66 -1.39
N PHE B 336 1.51 -31.13 -2.05
CA PHE B 336 1.39 -30.89 -3.49
C PHE B 336 1.28 -32.19 -4.26
N CYS B 337 2.14 -33.16 -3.96
CA CYS B 337 2.05 -34.46 -4.63
C CYS B 337 0.72 -35.14 -4.36
N LYS B 338 0.11 -34.88 -3.20
CA LYS B 338 -1.23 -35.41 -2.95
C LYS B 338 -2.27 -34.70 -3.81
N TYR B 339 -2.17 -33.38 -3.93
CA TYR B 339 -3.03 -32.65 -4.85
C TYR B 339 -2.65 -32.92 -6.30
N LYS B 340 -1.36 -33.15 -6.56
CA LYS B 340 -0.91 -33.45 -7.92
C LYS B 340 -1.43 -34.80 -8.39
N THR B 341 -1.33 -35.82 -7.53
CA THR B 341 -1.84 -37.14 -7.89
C THR B 341 -3.37 -37.16 -7.96
N LEU B 342 -4.03 -36.17 -7.35
CA LEU B 342 -5.48 -36.06 -7.47
C LEU B 342 -5.91 -35.56 -8.84
N LEU B 343 -5.05 -34.78 -9.51
CA LEU B 343 -5.37 -34.29 -10.84
C LEU B 343 -5.33 -35.39 -11.88
N ARG B 344 -4.56 -36.45 -11.65
CA ARG B 344 -4.56 -37.58 -12.59
C ARG B 344 -5.84 -38.39 -12.48
N ASN B 345 -6.29 -38.66 -11.26
CA ASN B 345 -7.49 -39.48 -11.07
C ASN B 345 -8.74 -38.79 -11.60
N GLU B 346 -8.84 -37.48 -11.38
CA GLU B 346 -9.96 -36.72 -11.95
C GLU B 346 -9.81 -36.53 -13.46
N ASN B 347 -8.62 -36.74 -14.00
CA ASN B 347 -8.35 -36.57 -15.43
C ASN B 347 -8.73 -35.18 -15.90
N VAL B 348 -8.32 -34.17 -15.13
CA VAL B 348 -8.66 -32.79 -15.47
C VAL B 348 -7.90 -32.33 -16.71
N LEU B 349 -6.71 -32.89 -16.95
CA LEU B 349 -6.00 -32.56 -18.18
C LEU B 349 -6.74 -33.10 -19.40
N GLU B 350 -7.19 -34.35 -19.34
CA GLU B 350 -7.92 -34.93 -20.47
C GLU B 350 -9.24 -34.21 -20.69
N THR B 351 -9.89 -33.78 -19.61
CA THR B 351 -11.12 -33.02 -19.73
C THR B 351 -10.85 -31.63 -20.32
N ALA B 352 -9.75 -31.00 -19.91
CA ALA B 352 -9.40 -29.69 -20.45
C ALA B 352 -8.96 -29.79 -21.89
N GLU B 353 -8.14 -30.80 -22.23
CA GLU B 353 -7.72 -30.98 -23.61
C GLU B 353 -8.90 -31.29 -24.52
N ALA B 354 -9.95 -31.91 -23.98
CA ALA B 354 -11.14 -32.20 -24.77
C ALA B 354 -12.00 -30.97 -24.97
N LEU B 355 -12.04 -30.06 -23.98
CA LEU B 355 -12.85 -28.85 -24.11
C LEU B 355 -12.28 -27.93 -25.19
N PHE B 356 -10.97 -27.68 -25.14
CA PHE B 356 -10.35 -26.82 -26.15
C PHE B 356 -10.36 -27.44 -27.53
N ASN B 357 -10.44 -28.78 -27.62
CA ASN B 357 -10.62 -29.43 -28.91
C ASN B 357 -12.05 -29.30 -29.43
N GLU B 358 -13.03 -29.12 -28.53
CA GLU B 358 -14.39 -28.88 -28.96
C GLU B 358 -14.53 -27.56 -29.72
N LEU B 359 -13.67 -26.59 -29.43
CA LEU B 359 -13.78 -25.26 -30.04
C LEU B 359 -13.53 -25.27 -31.53
N ASN B 360 -13.07 -26.39 -32.10
CA ASN B 360 -12.84 -26.46 -33.54
C ASN B 360 -14.11 -26.76 -34.33
N SER B 361 -15.16 -27.23 -33.68
CA SER B 361 -16.38 -27.62 -34.37
C SER B 361 -17.67 -27.06 -33.77
N ILE B 362 -17.69 -26.70 -32.49
CA ILE B 362 -18.91 -26.22 -31.85
C ILE B 362 -19.16 -24.78 -32.24
N ASP B 363 -20.36 -24.28 -31.89
CA ASP B 363 -20.74 -22.91 -32.22
C ASP B 363 -19.99 -21.93 -31.32
N LEU B 364 -19.12 -21.13 -31.91
CA LEU B 364 -18.27 -20.21 -31.16
C LEU B 364 -18.93 -18.88 -30.85
N THR B 365 -20.16 -18.66 -31.33
CA THR B 365 -20.87 -17.43 -30.97
C THR B 365 -21.41 -17.45 -29.56
N HIS B 366 -21.29 -18.59 -28.86
CA HIS B 366 -21.74 -18.69 -27.47
C HIS B 366 -20.59 -19.01 -26.51
N ILE B 367 -19.35 -18.99 -26.99
CA ILE B 367 -18.17 -19.10 -26.14
C ILE B 367 -17.63 -17.69 -25.96
N PHE B 368 -17.71 -17.17 -24.74
CA PHE B 368 -17.44 -15.77 -24.47
C PHE B 368 -16.10 -15.60 -23.76
N ILE B 369 -15.37 -14.55 -24.16
CA ILE B 369 -14.12 -14.17 -23.53
C ILE B 369 -14.38 -12.99 -22.59
N SER B 370 -13.80 -13.05 -21.39
CA SER B 370 -14.01 -11.99 -20.42
C SER B 370 -13.29 -10.71 -20.85
N HIS B 371 -13.96 -9.57 -20.65
CA HIS B 371 -13.36 -8.29 -20.99
C HIS B 371 -12.17 -7.96 -20.10
N LYS B 372 -12.16 -8.49 -18.87
CA LYS B 372 -11.04 -8.29 -17.97
C LYS B 372 -9.78 -9.01 -18.43
N LYS B 373 -9.89 -9.92 -19.39
CA LYS B 373 -8.76 -10.69 -19.89
C LYS B 373 -8.47 -10.44 -21.36
N LEU B 374 -9.28 -9.64 -22.05
CA LEU B 374 -9.13 -9.48 -23.50
C LEU B 374 -7.78 -8.83 -23.83
N GLU B 375 -7.37 -7.83 -23.06
CA GLU B 375 -6.09 -7.17 -23.33
C GLU B 375 -4.92 -8.09 -23.02
N THR B 376 -5.04 -8.92 -21.99
CA THR B 376 -3.99 -9.88 -21.69
C THR B 376 -3.86 -10.92 -22.80
N ILE B 377 -4.99 -11.39 -23.32
CA ILE B 377 -4.96 -12.36 -24.42
C ILE B 377 -4.36 -11.74 -25.67
N SER B 378 -4.70 -10.47 -25.93
CA SER B 378 -4.15 -9.79 -27.10
C SER B 378 -2.64 -9.71 -27.04
N SER B 379 -2.09 -9.43 -25.86
CA SER B 379 -0.64 -9.33 -25.72
C SER B 379 0.05 -10.69 -25.77
N ALA B 380 -0.66 -11.77 -25.44
CA ALA B 380 -0.08 -13.09 -25.44
C ALA B 380 -0.18 -13.80 -26.79
N LEU B 381 -1.12 -13.39 -27.64
CA LEU B 381 -1.33 -14.04 -28.93
C LEU B 381 -1.05 -13.15 -30.12
N CYS B 382 -0.94 -11.84 -29.93
CA CYS B 382 -0.76 -10.93 -31.06
C CYS B 382 0.43 -10.00 -30.85
N ASP B 383 0.56 -9.00 -31.72
CA ASP B 383 1.68 -8.08 -31.64
C ASP B 383 1.65 -7.27 -30.34
N HIS B 384 0.51 -6.64 -30.05
CA HIS B 384 0.36 -5.80 -28.88
C HIS B 384 -0.96 -6.09 -28.20
N TRP B 385 -1.13 -5.46 -27.03
CA TRP B 385 -2.42 -5.49 -26.34
C TRP B 385 -3.51 -4.77 -27.12
N ASP B 386 -3.12 -3.90 -28.07
CA ASP B 386 -4.08 -3.08 -28.79
C ASP B 386 -4.83 -3.85 -29.86
N THR B 387 -4.19 -4.84 -30.48
CA THR B 387 -4.66 -5.36 -31.76
C THR B 387 -6.08 -5.93 -31.67
N LEU B 388 -6.38 -6.66 -30.59
CA LEU B 388 -7.70 -7.29 -30.48
C LEU B 388 -8.79 -6.24 -30.29
N ARG B 389 -8.62 -5.36 -29.29
CA ARG B 389 -9.62 -4.32 -29.06
C ARG B 389 -9.80 -3.44 -30.29
N ASN B 390 -8.71 -3.18 -31.02
CA ASN B 390 -8.80 -2.37 -32.23
C ASN B 390 -9.49 -3.11 -33.36
N ALA B 391 -9.18 -4.40 -33.53
CA ALA B 391 -9.81 -5.18 -34.59
C ALA B 391 -11.31 -5.31 -34.37
N LEU B 392 -11.73 -5.52 -33.12
CA LEU B 392 -13.16 -5.55 -32.82
C LEU B 392 -13.79 -4.18 -33.05
N TYR B 393 -13.05 -3.11 -32.78
CA TYR B 393 -13.56 -1.77 -33.00
C TYR B 393 -13.84 -1.52 -34.47
N GLU B 394 -12.90 -1.89 -35.34
CA GLU B 394 -13.07 -1.64 -36.77
C GLU B 394 -14.21 -2.45 -37.35
N ARG B 395 -14.38 -3.70 -36.90
CA ARG B 395 -15.44 -4.53 -37.46
C ARG B 395 -16.81 -4.07 -36.97
N ARG B 396 -16.89 -3.51 -35.76
CA ARG B 396 -18.17 -3.02 -35.27
C ARG B 396 -18.55 -1.69 -35.92
N ILE B 397 -17.56 -0.81 -36.14
CA ILE B 397 -17.81 0.38 -36.94
C ILE B 397 -18.21 -0.01 -38.36
N SER B 398 -17.70 -1.14 -38.84
CA SER B 398 -18.04 -1.63 -40.17
C SER B 398 -19.51 -2.01 -40.31
N GLU B 399 -20.22 -2.20 -39.20
CA GLU B 399 -21.60 -2.65 -39.25
C GLU B 399 -22.55 -1.68 -38.53
N LEU B 400 -22.19 -0.40 -38.50
CA LEU B 400 -23.12 0.62 -38.02
C LEU B 400 -24.06 1.06 -39.14
N THR B 401 -25.14 1.72 -38.74
CA THR B 401 -26.20 2.11 -39.66
C THR B 401 -26.18 3.62 -39.89
N GLY B 402 -26.26 4.02 -41.15
CA GLY B 402 -26.41 5.41 -41.50
C GLY B 402 -25.13 6.23 -41.32
N LYS B 403 -25.33 7.53 -41.17
CA LYS B 403 -24.23 8.47 -40.98
C LYS B 403 -23.48 8.17 -39.69
N ILE B 404 -22.32 7.54 -39.79
CA ILE B 404 -21.53 7.16 -38.63
C ILE B 404 -20.90 8.40 -38.02
N THR B 405 -21.55 8.98 -37.01
CA THR B 405 -21.01 10.15 -36.35
C THR B 405 -19.85 9.76 -35.44
N LYS B 406 -19.17 10.77 -34.91
CA LYS B 406 -18.14 10.50 -33.91
C LYS B 406 -18.74 10.08 -32.58
N SER B 407 -20.02 10.38 -32.36
CA SER B 407 -20.70 9.89 -31.16
C SER B 407 -20.92 8.39 -31.24
N ALA B 408 -21.28 7.88 -32.43
CA ALA B 408 -21.46 6.45 -32.59
C ALA B 408 -20.16 5.68 -32.43
N LYS B 409 -19.03 6.29 -32.78
CA LYS B 409 -17.74 5.64 -32.59
C LYS B 409 -17.38 5.55 -31.11
N GLU B 410 -17.66 6.62 -30.35
CA GLU B 410 -17.36 6.60 -28.92
C GLU B 410 -18.25 5.59 -28.20
N LYS B 411 -19.47 5.36 -28.69
CA LYS B 411 -20.33 4.34 -28.10
C LYS B 411 -19.75 2.95 -28.34
N VAL B 412 -19.17 2.72 -29.51
CA VAL B 412 -18.54 1.43 -29.78
C VAL B 412 -17.30 1.25 -28.90
N GLN B 413 -16.56 2.34 -28.66
CA GLN B 413 -15.39 2.26 -27.80
C GLN B 413 -15.78 1.89 -26.37
N ARG B 414 -16.76 2.61 -25.80
CA ARG B 414 -17.17 2.34 -24.42
C ARG B 414 -17.77 0.94 -24.28
N SER B 415 -18.42 0.43 -25.34
CA SER B 415 -19.01 -0.90 -25.25
C SER B 415 -17.93 -1.97 -25.12
N LEU B 416 -16.79 -1.78 -25.79
CA LEU B 416 -15.71 -2.77 -25.75
C LEU B 416 -14.98 -2.81 -24.43
N LYS B 417 -15.18 -1.82 -23.55
CA LYS B 417 -14.48 -1.81 -22.28
C LYS B 417 -15.12 -2.73 -21.25
N HIS B 418 -16.46 -2.85 -21.26
CA HIS B 418 -17.17 -3.59 -20.23
C HIS B 418 -18.26 -4.48 -20.84
N GLU B 419 -17.87 -5.39 -21.70
CA GLU B 419 -18.78 -6.43 -22.17
C GLU B 419 -17.96 -7.63 -22.63
N ASP B 420 -18.55 -8.81 -22.52
CA ASP B 420 -17.88 -10.04 -22.92
C ASP B 420 -18.06 -10.27 -24.41
N ILE B 421 -16.97 -10.52 -25.11
CA ILE B 421 -16.98 -10.76 -26.55
C ILE B 421 -17.02 -12.27 -26.79
N ASN B 422 -17.88 -12.71 -27.70
CA ASN B 422 -17.89 -14.11 -28.07
C ASN B 422 -16.70 -14.43 -28.95
N LEU B 423 -16.26 -15.69 -28.91
CA LEU B 423 -15.05 -16.09 -29.61
C LEU B 423 -15.18 -15.95 -31.12
N GLN B 424 -16.39 -16.06 -31.65
CA GLN B 424 -16.57 -15.96 -33.09
C GLN B 424 -16.32 -14.54 -33.59
N GLU B 425 -16.82 -13.53 -32.87
CA GLU B 425 -16.59 -12.16 -33.27
C GLU B 425 -15.11 -11.79 -33.20
N ILE B 426 -14.35 -12.44 -32.31
CA ILE B 426 -12.92 -12.19 -32.25
C ILE B 426 -12.22 -12.76 -33.48
N ILE B 427 -12.59 -13.99 -33.86
CA ILE B 427 -11.95 -14.62 -35.02
C ILE B 427 -12.33 -13.89 -36.30
N SER B 428 -13.60 -13.50 -36.43
CA SER B 428 -14.05 -12.79 -37.63
C SER B 428 -13.43 -11.41 -37.77
N ALA B 429 -12.90 -10.85 -36.69
CA ALA B 429 -12.31 -9.52 -36.71
C ALA B 429 -10.79 -9.51 -36.74
N ALA B 430 -10.15 -10.56 -36.24
CA ALA B 430 -8.69 -10.60 -36.14
C ALA B 430 -8.03 -11.37 -37.27
N GLY B 431 -8.73 -12.32 -37.88
CA GLY B 431 -8.19 -13.12 -38.96
C GLY B 431 -7.85 -14.54 -38.51
N LYS B 432 -7.48 -15.36 -39.50
CA LYS B 432 -7.17 -16.76 -39.23
C LYS B 432 -5.88 -16.93 -38.44
N GLU B 433 -5.01 -15.91 -38.40
CA GLU B 433 -3.77 -16.03 -37.66
C GLU B 433 -3.96 -15.98 -36.15
N LEU B 434 -5.13 -15.56 -35.67
CA LEU B 434 -5.41 -15.66 -34.25
C LEU B 434 -5.74 -17.10 -33.86
N SER B 435 -6.50 -17.80 -34.71
CA SER B 435 -6.82 -19.19 -34.44
C SER B 435 -5.55 -20.03 -34.32
N GLU B 436 -4.57 -19.80 -35.20
CA GLU B 436 -3.29 -20.50 -35.11
C GLU B 436 -2.56 -20.13 -33.83
N ALA B 437 -2.65 -18.86 -33.42
CA ALA B 437 -2.04 -18.45 -32.14
C ALA B 437 -2.80 -19.05 -30.97
N PHE B 438 -4.13 -19.12 -31.08
CA PHE B 438 -4.93 -19.72 -30.02
C PHE B 438 -4.66 -21.22 -29.91
N LYS B 439 -4.56 -21.91 -31.05
CA LYS B 439 -4.26 -23.34 -31.02
C LYS B 439 -2.87 -23.60 -30.46
N GLN B 440 -1.88 -22.85 -30.93
CA GLN B 440 -0.50 -23.09 -30.50
C GLN B 440 -0.32 -22.78 -29.01
N LYS B 441 -0.91 -21.68 -28.52
CA LYS B 441 -0.77 -21.34 -27.11
C LYS B 441 -1.51 -22.33 -26.22
N THR B 442 -2.65 -22.84 -26.69
CA THR B 442 -3.41 -23.79 -25.89
C THR B 442 -2.67 -25.11 -25.74
N SER B 443 -2.17 -25.65 -26.84
CA SER B 443 -1.41 -26.90 -26.77
C SER B 443 -0.10 -26.72 -26.02
N GLU B 444 0.51 -25.54 -26.13
CA GLU B 444 1.75 -25.26 -25.41
C GLU B 444 1.53 -25.31 -23.90
N ILE B 445 0.44 -24.68 -23.44
CA ILE B 445 0.14 -24.70 -22.00
C ILE B 445 -0.30 -26.10 -21.57
N LEU B 446 -1.14 -26.76 -22.38
CA LEU B 446 -1.62 -28.09 -22.02
C LEU B 446 -0.50 -29.11 -22.00
N SER B 447 0.47 -28.99 -22.92
CA SER B 447 1.59 -29.92 -22.92
C SER B 447 2.48 -29.73 -21.71
N HIS B 448 2.71 -28.48 -21.31
CA HIS B 448 3.53 -28.22 -20.12
C HIS B 448 2.86 -28.73 -18.86
N ALA B 449 1.54 -28.56 -18.75
CA ALA B 449 0.83 -29.10 -17.60
C ALA B 449 0.78 -30.62 -17.67
N HIS B 450 0.65 -31.18 -18.87
CA HIS B 450 0.68 -32.63 -19.02
C HIS B 450 2.07 -33.18 -18.74
N ALA B 451 3.11 -32.46 -19.16
CA ALA B 451 4.48 -32.89 -18.91
C ALA B 451 4.92 -32.65 -17.47
N ALA B 452 4.14 -31.92 -16.69
CA ALA B 452 4.46 -31.66 -15.29
C ALA B 452 3.74 -32.58 -14.33
N LEU B 453 2.56 -33.08 -14.69
CA LEU B 453 1.82 -33.97 -13.79
C LEU B 453 2.48 -35.33 -13.67
N ASP B 454 3.14 -35.79 -14.72
CA ASP B 454 3.84 -37.07 -14.66
C ASP B 454 5.28 -36.94 -14.20
N GLN B 455 5.84 -35.75 -14.22
CA GLN B 455 7.19 -35.52 -13.72
C GLN B 455 7.19 -35.57 -12.20
N PRO B 456 7.93 -36.47 -11.57
CA PRO B 456 7.89 -36.59 -10.10
C PRO B 456 8.65 -35.47 -9.41
N LEU B 457 8.15 -35.10 -8.23
CA LEU B 457 8.80 -34.11 -7.40
C LEU B 457 10.08 -34.69 -6.79
N PRO B 458 11.04 -33.83 -6.41
CA PRO B 458 12.26 -34.34 -5.77
C PRO B 458 12.01 -34.83 -4.35
N THR B 459 13.06 -35.31 -3.69
CA THR B 459 12.90 -35.83 -2.33
C THR B 459 12.92 -34.71 -1.30
N THR B 460 13.78 -33.70 -1.50
CA THR B 460 13.89 -32.58 -0.57
C THR B 460 14.04 -31.29 -1.35
N LEU B 461 13.95 -30.17 -0.62
CA LEU B 461 14.17 -28.84 -1.17
C LEU B 461 15.54 -28.28 -0.77
N LYS B 462 16.51 -29.15 -0.51
CA LYS B 462 17.81 -28.71 -0.03
C LYS B 462 18.58 -27.98 -1.14
N LYS B 463 18.61 -28.54 -2.33
CA LYS B 463 19.34 -27.95 -3.44
C LYS B 463 18.44 -27.00 -4.22
N GLN B 464 19.07 -25.99 -4.85
CA GLN B 464 18.32 -25.05 -5.68
C GLN B 464 17.79 -25.72 -6.93
N GLU B 465 18.50 -26.73 -7.46
CA GLU B 465 18.01 -27.46 -8.62
C GLU B 465 16.72 -28.20 -8.30
N GLU B 466 16.51 -28.57 -7.03
CA GLU B 466 15.26 -29.19 -6.62
C GLU B 466 14.18 -28.16 -6.35
N LYS B 467 14.55 -26.94 -5.97
CA LYS B 467 13.57 -25.87 -5.85
C LYS B 467 13.06 -25.43 -7.23
N GLU B 468 13.92 -25.51 -8.25
CA GLU B 468 13.54 -25.03 -9.58
C GLU B 468 12.45 -25.89 -10.20
N ILE B 469 12.57 -27.21 -10.06
CA ILE B 469 11.58 -28.10 -10.67
C ILE B 469 10.24 -27.99 -9.96
N LEU B 470 10.24 -27.66 -8.66
CA LEU B 470 8.98 -27.42 -7.97
C LEU B 470 8.31 -26.16 -8.50
N LYS B 471 9.09 -25.10 -8.74
CA LYS B 471 8.53 -23.89 -9.32
C LYS B 471 8.10 -24.13 -10.76
N SER B 472 8.87 -24.92 -11.51
CA SER B 472 8.54 -25.16 -12.92
C SER B 472 7.20 -25.87 -13.06
N GLN B 473 6.93 -26.86 -12.20
CA GLN B 473 5.65 -27.55 -12.26
C GLN B 473 4.51 -26.66 -11.78
N LEU B 474 4.76 -25.78 -10.81
CA LEU B 474 3.74 -24.84 -10.37
C LEU B 474 3.43 -23.80 -11.44
N ASP B 475 4.45 -23.39 -12.22
CA ASP B 475 4.21 -22.46 -13.32
C ASP B 475 3.31 -23.09 -14.38
N SER B 476 3.51 -24.39 -14.65
CA SER B 476 2.65 -25.08 -15.61
C SER B 476 1.23 -25.21 -15.08
N LEU B 477 1.09 -25.46 -13.78
CA LEU B 477 -0.25 -25.54 -13.18
C LEU B 477 -0.93 -24.18 -13.16
N LEU B 478 -0.17 -23.12 -12.83
CA LEU B 478 -0.74 -21.78 -12.86
C LEU B 478 -1.01 -21.32 -14.28
N GLY B 479 -0.22 -21.80 -15.24
CA GLY B 479 -0.48 -21.45 -16.63
C GLY B 479 -1.80 -21.99 -17.14
N LEU B 480 -2.12 -23.24 -16.79
CA LEU B 480 -3.42 -23.78 -17.14
C LEU B 480 -4.54 -23.09 -16.37
N TYR B 481 -4.29 -22.75 -15.10
CA TYR B 481 -5.27 -22.01 -14.32
C TYR B 481 -5.50 -20.62 -14.90
N HIS B 482 -4.44 -20.00 -15.42
CA HIS B 482 -4.59 -18.71 -16.09
C HIS B 482 -5.39 -18.84 -17.37
N LEU B 483 -5.18 -19.93 -18.11
CA LEU B 483 -5.86 -20.11 -19.38
C LEU B 483 -7.37 -20.25 -19.19
N LEU B 484 -7.79 -20.97 -18.15
CA LEU B 484 -9.22 -21.21 -17.95
C LEU B 484 -9.97 -19.94 -17.58
N ASP B 485 -9.29 -18.98 -16.94
CA ASP B 485 -9.92 -17.72 -16.57
C ASP B 485 -10.10 -16.77 -17.74
N TRP B 486 -9.79 -17.22 -18.97
CA TRP B 486 -10.04 -16.39 -20.15
C TRP B 486 -11.53 -16.29 -20.45
N PHE B 487 -12.31 -17.30 -20.07
CA PHE B 487 -13.71 -17.36 -20.45
C PHE B 487 -14.59 -16.68 -19.41
N ALA B 488 -15.64 -16.01 -19.88
CA ALA B 488 -16.55 -15.30 -19.00
C ALA B 488 -17.33 -16.30 -18.13
N VAL B 489 -17.49 -15.94 -16.85
CA VAL B 489 -18.11 -16.83 -15.87
C VAL B 489 -19.53 -16.35 -15.60
N ASP B 490 -19.78 -15.06 -15.75
CA ASP B 490 -21.09 -14.50 -15.44
C ASP B 490 -22.17 -15.11 -16.34
N GLU B 491 -23.34 -15.35 -15.77
CA GLU B 491 -24.47 -15.90 -16.49
C GLU B 491 -25.21 -14.87 -17.33
N SER B 492 -24.66 -13.65 -17.44
CA SER B 492 -25.29 -12.63 -18.27
C SER B 492 -25.22 -12.97 -19.75
N ASN B 493 -24.25 -13.77 -20.16
CA ASN B 493 -24.10 -14.18 -21.55
C ASN B 493 -24.77 -15.52 -21.78
N GLU B 494 -25.08 -15.79 -23.05
CA GLU B 494 -25.69 -17.05 -23.46
C GLU B 494 -24.59 -18.10 -23.56
N VAL B 495 -24.26 -18.70 -22.42
CA VAL B 495 -23.20 -19.69 -22.35
C VAL B 495 -23.71 -21.04 -22.83
N ASP B 496 -22.80 -21.85 -23.37
CA ASP B 496 -23.16 -23.17 -23.86
C ASP B 496 -23.58 -24.05 -22.68
N PRO B 497 -24.58 -24.91 -22.86
CA PRO B 497 -25.00 -25.80 -21.76
C PRO B 497 -23.89 -26.71 -21.28
N GLU B 498 -23.37 -27.55 -22.18
CA GLU B 498 -22.37 -28.54 -21.77
C GLU B 498 -21.02 -27.89 -21.50
N PHE B 499 -20.61 -26.91 -22.33
CA PHE B 499 -19.28 -26.34 -22.21
C PHE B 499 -19.13 -25.58 -20.90
N SER B 500 -20.11 -24.76 -20.53
CA SER B 500 -20.01 -23.99 -19.30
C SER B 500 -20.01 -24.88 -18.07
N ALA B 501 -20.68 -26.04 -18.14
CA ALA B 501 -20.68 -26.94 -16.99
C ALA B 501 -19.35 -27.67 -16.86
N ARG B 502 -18.79 -28.16 -17.98
CA ARG B 502 -17.52 -28.87 -17.93
C ARG B 502 -16.37 -27.92 -17.61
N LEU B 503 -16.44 -26.67 -18.09
CA LEU B 503 -15.39 -25.70 -17.81
C LEU B 503 -15.41 -25.29 -16.34
N THR B 504 -16.59 -24.98 -15.81
CA THR B 504 -16.70 -24.58 -14.41
C THR B 504 -16.28 -25.70 -13.47
N GLY B 505 -16.42 -26.95 -13.90
CA GLY B 505 -16.00 -28.07 -13.07
C GLY B 505 -14.49 -28.14 -12.93
N ILE B 506 -13.76 -28.30 -14.04
CA ILE B 506 -12.29 -28.51 -13.86
C ILE B 506 -11.74 -27.23 -13.22
N LYS B 507 -12.45 -26.11 -13.40
CA LYS B 507 -12.00 -24.81 -12.83
C LYS B 507 -12.12 -24.85 -11.31
N LEU B 508 -13.30 -25.16 -10.79
CA LEU B 508 -13.50 -25.12 -9.33
C LEU B 508 -12.37 -25.93 -8.73
N GLU B 509 -11.78 -26.80 -9.52
CA GLU B 509 -10.78 -27.70 -8.98
C GLU B 509 -9.39 -27.08 -8.97
N MET B 510 -9.13 -26.15 -9.89
CA MET B 510 -7.81 -25.52 -10.00
C MET B 510 -7.69 -24.23 -9.20
N GLU B 511 -8.75 -23.78 -8.53
CA GLU B 511 -8.64 -22.55 -7.74
C GLU B 511 -7.65 -22.65 -6.59
N PRO B 512 -7.55 -23.74 -5.81
CA PRO B 512 -6.55 -23.74 -4.72
C PRO B 512 -5.12 -23.76 -5.19
N SER B 513 -4.90 -24.13 -6.47
CA SER B 513 -3.52 -24.08 -7.02
C SER B 513 -2.94 -22.67 -6.82
N LEU B 514 -3.72 -21.64 -7.18
CA LEU B 514 -3.25 -20.23 -7.04
C LEU B 514 -2.88 -19.95 -5.59
N SER B 515 -3.79 -20.23 -4.66
CA SER B 515 -3.51 -20.03 -3.22
C SER B 515 -2.31 -20.89 -2.81
N PHE B 516 -2.31 -22.16 -3.24
CA PHE B 516 -1.18 -23.07 -2.90
C PHE B 516 0.11 -22.50 -3.49
N TYR B 517 0.07 -22.02 -4.73
CA TYR B 517 1.26 -21.43 -5.39
C TYR B 517 1.79 -20.26 -4.56
N ASN B 518 0.88 -19.39 -4.11
CA ASN B 518 1.30 -18.19 -3.32
C ASN B 518 1.92 -18.66 -2.00
N LYS B 519 1.33 -19.68 -1.37
CA LYS B 519 1.86 -20.20 -0.08
C LYS B 519 3.27 -20.75 -0.32
N ALA B 520 3.47 -21.45 -1.43
CA ALA B 520 4.78 -22.05 -1.75
C ALA B 520 5.80 -20.92 -2.01
N ARG B 521 5.39 -19.87 -2.74
CA ARG B 521 6.40 -18.85 -3.03
C ARG B 521 6.84 -18.14 -1.76
N ASN B 522 5.92 -17.92 -0.83
CA ASN B 522 6.27 -17.25 0.42
C ASN B 522 7.22 -18.10 1.27
N TYR B 523 7.12 -19.42 1.18
CA TYR B 523 8.05 -20.28 1.89
C TYR B 523 9.47 -20.08 1.40
N ALA B 524 9.65 -19.99 0.09
CA ALA B 524 10.98 -19.73 -0.46
C ALA B 524 11.47 -18.34 -0.07
N THR B 525 10.58 -17.35 -0.11
CA THR B 525 10.93 -15.99 0.27
C THR B 525 11.19 -15.88 1.78
N LYS B 526 10.59 -16.76 2.57
CA LYS B 526 10.67 -16.65 4.03
C LYS B 526 12.11 -16.70 4.51
N LYS B 527 12.36 -16.04 5.63
CA LYS B 527 13.66 -15.95 6.27
C LYS B 527 13.79 -16.99 7.38
N PRO B 528 15.00 -17.44 7.69
CA PRO B 528 15.16 -18.57 8.62
C PRO B 528 14.87 -18.22 10.08
N TYR B 529 14.32 -17.04 10.32
CA TYR B 529 14.05 -16.60 11.69
C TYR B 529 12.70 -17.13 12.14
N SER B 530 12.26 -16.66 13.31
CA SER B 530 10.85 -16.78 13.70
C SER B 530 10.55 -15.56 14.57
N VAL B 531 10.05 -14.50 13.91
CA VAL B 531 9.69 -13.28 14.63
C VAL B 531 8.42 -13.44 15.44
N GLU B 532 7.73 -14.58 15.29
CA GLU B 532 6.51 -14.83 16.04
C GLU B 532 6.76 -14.76 17.54
N LYS B 533 5.86 -14.09 18.24
CA LYS B 533 6.02 -13.82 19.66
C LYS B 533 4.65 -13.72 20.30
N PHE B 534 4.62 -13.76 21.63
CA PHE B 534 3.38 -13.65 22.38
C PHE B 534 3.52 -12.62 23.48
N LYS B 535 2.38 -12.02 23.84
CA LYS B 535 2.37 -10.92 24.80
C LYS B 535 2.38 -11.45 26.23
N LEU B 536 3.25 -10.87 27.05
CA LEU B 536 3.36 -11.25 28.45
C LEU B 536 2.43 -10.38 29.28
N ASN B 537 1.57 -11.02 30.07
CA ASN B 537 0.60 -10.33 30.92
C ASN B 537 0.99 -10.29 32.38
N PHE B 538 1.74 -11.29 32.86
CA PHE B 538 2.07 -11.43 34.27
C PHE B 538 0.79 -11.44 35.12
N GLN B 539 -0.23 -12.12 34.61
CA GLN B 539 -1.50 -12.32 35.31
C GLN B 539 -2.17 -11.01 35.69
N MET B 540 -1.97 -9.97 34.88
CA MET B 540 -2.61 -8.68 35.09
C MET B 540 -3.26 -8.25 33.78
N PRO B 541 -4.58 -8.02 33.76
CA PRO B 541 -5.23 -7.55 32.52
C PRO B 541 -4.94 -6.10 32.20
N THR B 542 -4.40 -5.33 33.14
CA THR B 542 -4.10 -3.92 32.94
C THR B 542 -2.62 -3.61 33.15
N LEU B 543 -1.76 -4.55 32.80
CA LEU B 543 -0.33 -4.33 32.94
C LEU B 543 0.15 -3.26 31.97
N ALA B 544 0.85 -2.26 32.50
CA ALA B 544 1.38 -1.14 31.71
C ALA B 544 0.28 -0.40 30.96
N SER B 545 -0.94 -0.39 31.53
CA SER B 545 -2.05 0.32 30.92
C SER B 545 -2.13 1.79 31.34
N GLY B 546 -1.31 2.20 32.30
CA GLY B 546 -1.28 3.58 32.76
C GLY B 546 -0.17 3.81 33.74
N TRP B 547 0.55 4.91 33.60
CA TRP B 547 1.74 5.18 34.41
C TRP B 547 1.45 5.99 35.66
N ASP B 548 0.19 6.38 35.89
CA ASP B 548 -0.13 7.27 36.99
C ASP B 548 0.24 6.65 38.32
N VAL B 549 0.73 7.48 39.25
CA VAL B 549 1.18 6.99 40.54
C VAL B 549 0.03 6.42 41.36
N ASN B 550 -1.17 7.01 41.24
CA ASN B 550 -2.31 6.49 41.97
C ASN B 550 -2.75 5.12 41.46
N LYS B 551 -2.31 4.74 40.27
CA LYS B 551 -2.53 3.40 39.73
C LYS B 551 -1.26 2.55 39.80
N GLU B 552 -0.42 2.80 40.80
CA GLU B 552 0.79 2.01 41.00
C GLU B 552 0.46 0.52 41.13
N LYS B 553 -0.44 0.17 42.03
CA LYS B 553 -0.83 -1.22 42.21
C LYS B 553 -1.63 -1.72 41.03
N CYS B 554 -2.48 -0.85 40.45
CA CYS B 554 -3.47 -1.29 39.48
C CYS B 554 -2.81 -1.81 38.21
N ASN B 555 -1.76 -1.14 37.76
CA ASN B 555 -1.08 -1.50 36.52
C ASN B 555 0.25 -2.21 36.75
N GLY B 556 1.03 -1.73 37.72
CA GLY B 556 2.30 -2.34 38.06
C GLY B 556 3.36 -2.26 36.99
N ALA B 557 3.62 -1.06 36.47
CA ALA B 557 4.68 -0.86 35.49
C ALA B 557 5.25 0.55 35.65
N ILE B 558 6.53 0.64 35.98
CA ILE B 558 7.22 1.90 36.17
C ILE B 558 8.62 1.83 35.55
N LEU B 559 9.23 2.99 35.38
CA LEU B 559 10.53 3.11 34.74
C LEU B 559 11.54 3.73 35.69
N PHE B 560 12.80 3.34 35.52
CA PHE B 560 13.91 3.86 36.30
C PHE B 560 14.99 4.38 35.36
N VAL B 561 15.65 5.47 35.76
CA VAL B 561 16.79 6.00 35.03
C VAL B 561 17.97 6.09 36.00
N LYS B 562 19.12 5.58 35.58
CA LYS B 562 20.31 5.55 36.43
C LYS B 562 21.54 5.49 35.54
N ASN B 563 22.41 6.49 35.65
CA ASN B 563 23.66 6.56 34.88
C ASN B 563 23.41 6.48 33.39
N GLY B 564 22.33 7.10 32.92
CA GLY B 564 22.00 7.12 31.51
C GLY B 564 21.37 5.86 30.97
N LEU B 565 21.12 4.86 31.82
CA LEU B 565 20.52 3.60 31.42
C LEU B 565 19.10 3.53 31.95
N TYR B 566 18.15 3.22 31.07
CA TYR B 566 16.73 3.20 31.42
C TYR B 566 16.31 1.78 31.77
N TYR B 567 15.65 1.63 32.91
CA TYR B 567 15.20 0.34 33.41
C TYR B 567 13.69 0.33 33.53
N LEU B 568 13.08 -0.81 33.24
CA LEU B 568 11.64 -1.00 33.40
C LEU B 568 11.39 -1.89 34.61
N GLY B 569 10.48 -1.46 35.48
CA GLY B 569 10.14 -2.23 36.65
C GLY B 569 8.67 -2.56 36.73
N ILE B 570 8.35 -3.85 36.76
CA ILE B 570 6.98 -4.33 36.86
C ILE B 570 6.84 -5.13 38.15
N MET B 571 5.76 -4.88 38.89
CA MET B 571 5.54 -5.55 40.16
C MET B 571 4.60 -6.72 39.95
N PRO B 572 5.04 -7.96 40.15
CA PRO B 572 4.14 -9.11 40.02
C PRO B 572 3.17 -9.18 41.19
N LYS B 573 2.08 -9.91 40.98
CA LYS B 573 1.16 -10.25 42.06
C LYS B 573 1.88 -11.15 43.04
N GLN B 574 2.23 -10.60 44.21
CA GLN B 574 2.98 -11.37 45.20
C GLN B 574 2.11 -12.49 45.75
N LYS B 575 2.48 -13.73 45.41
CA LYS B 575 1.74 -14.92 45.85
C LYS B 575 0.28 -14.86 45.45
N GLY B 576 0.01 -14.37 44.25
CA GLY B 576 -1.33 -14.33 43.72
C GLY B 576 -2.17 -13.15 44.15
N ARG B 577 -1.60 -12.19 44.89
CA ARG B 577 -2.34 -11.02 45.35
C ARG B 577 -1.52 -9.77 45.08
N TYR B 578 -2.23 -8.65 44.87
CA TYR B 578 -1.57 -7.37 44.69
C TYR B 578 -0.89 -6.96 45.99
N LYS B 579 0.35 -6.45 45.87
CA LYS B 579 1.12 -6.00 47.03
C LYS B 579 1.91 -4.77 46.60
N ALA B 580 1.63 -3.63 47.23
CA ALA B 580 2.34 -2.40 46.91
C ALA B 580 3.75 -2.43 47.50
N LEU B 581 4.66 -1.70 46.85
CA LEU B 581 6.04 -1.58 47.29
C LEU B 581 6.26 -0.19 47.86
N SER B 582 6.71 -0.12 49.10
CA SER B 582 6.93 1.16 49.79
C SER B 582 8.32 1.68 49.42
N PHE B 583 8.40 2.25 48.23
CA PHE B 583 9.65 2.85 47.77
C PHE B 583 9.82 4.22 48.44
N GLU B 584 10.77 4.30 49.37
CA GLU B 584 10.96 5.53 50.13
C GLU B 584 11.81 6.51 49.33
N PRO B 585 11.32 7.73 49.06
CA PRO B 585 12.15 8.73 48.38
C PRO B 585 13.42 9.05 49.16
N THR B 586 14.57 8.71 48.59
CA THR B 586 15.85 8.92 49.24
C THR B 586 16.54 10.14 48.63
N GLU B 587 17.43 10.75 49.42
CA GLU B 587 18.13 11.96 48.98
C GLU B 587 18.92 11.71 47.71
N LYS B 588 18.94 12.70 46.83
CA LYS B 588 19.57 12.56 45.52
C LYS B 588 21.07 12.30 45.62
N THR B 589 21.70 12.67 46.73
CA THR B 589 23.14 12.46 46.86
C THR B 589 23.49 10.98 46.83
N SER B 590 22.69 10.15 47.49
CA SER B 590 22.97 8.72 47.56
C SER B 590 22.81 8.09 46.19
N GLU B 591 23.68 7.13 45.88
CA GLU B 591 23.63 6.45 44.60
C GLU B 591 22.44 5.51 44.55
N GLY B 592 21.66 5.59 43.47
CA GLY B 592 20.50 4.74 43.32
C GLY B 592 19.74 5.11 42.07
N PHE B 593 18.67 4.34 41.82
CA PHE B 593 17.84 4.58 40.66
C PHE B 593 16.94 5.79 40.88
N ASP B 594 16.50 6.39 39.78
CA ASP B 594 15.55 7.49 39.82
C ASP B 594 14.21 6.99 39.29
N LYS B 595 13.16 7.13 40.11
CA LYS B 595 11.86 6.56 39.78
C LYS B 595 10.94 7.61 39.20
N MET B 596 10.17 7.22 38.20
CA MET B 596 9.21 8.13 37.58
C MET B 596 8.01 8.33 38.49
N TYR B 597 7.65 9.58 38.72
CA TYR B 597 6.40 9.94 39.38
C TYR B 597 5.51 10.59 38.32
N TYR B 598 4.49 9.86 37.88
CA TYR B 598 3.64 10.25 36.77
C TYR B 598 2.30 10.71 37.31
N ASP B 599 1.97 11.98 37.06
CA ASP B 599 0.70 12.56 37.46
C ASP B 599 -0.05 12.97 36.20
N TYR B 600 -1.31 12.53 36.09
CA TYR B 600 -2.07 12.75 34.87
C TYR B 600 -3.56 12.79 35.17
N PHE B 601 -4.21 13.85 34.71
CA PHE B 601 -5.67 13.96 34.71
C PHE B 601 -6.12 13.93 33.25
N PRO B 602 -6.82 12.88 32.82
CA PRO B 602 -7.06 12.66 31.38
C PRO B 602 -7.54 13.87 30.60
N ASP B 603 -8.68 14.44 30.98
CA ASP B 603 -9.23 15.58 30.25
C ASP B 603 -10.19 16.32 31.16
N ALA B 604 -10.16 17.65 31.10
CA ALA B 604 -11.05 18.45 31.93
C ALA B 604 -12.49 18.31 31.47
N ALA B 605 -12.72 18.12 30.18
CA ALA B 605 -14.08 18.07 29.65
C ALA B 605 -14.82 16.83 30.14
N LYS B 606 -14.10 15.72 30.30
CA LYS B 606 -14.73 14.45 30.60
C LYS B 606 -14.52 13.99 32.04
N MET B 607 -13.40 14.32 32.67
CA MET B 607 -13.16 13.86 34.04
C MET B 607 -13.81 14.77 35.08
N ILE B 608 -13.81 16.08 34.84
CA ILE B 608 -14.35 17.01 35.83
C ILE B 608 -15.84 16.77 36.07
N PRO B 609 -16.71 16.75 35.05
CA PRO B 609 -18.13 16.46 35.33
C PRO B 609 -18.36 15.09 35.91
N LYS B 610 -17.53 14.11 35.53
CA LYS B 610 -17.70 12.75 36.03
C LYS B 610 -17.52 12.69 37.54
N CYS B 611 -16.51 13.39 38.06
CA CYS B 611 -16.21 13.33 39.48
C CYS B 611 -16.87 14.43 40.29
N SER B 612 -17.53 15.40 39.66
CA SER B 612 -18.07 16.54 40.38
C SER B 612 -19.58 16.66 40.26
N THR B 613 -20.13 16.67 39.04
CA THR B 613 -21.54 16.96 38.84
C THR B 613 -22.33 15.83 38.20
N GLN B 614 -21.67 14.84 37.60
CA GLN B 614 -22.36 13.73 36.96
C GLN B 614 -22.15 12.42 37.68
N LEU B 615 -21.71 12.44 38.93
CA LEU B 615 -21.61 11.21 39.70
C LEU B 615 -22.97 10.84 40.29
N LYS B 616 -23.06 9.59 40.75
CA LYS B 616 -24.34 9.06 41.21
C LYS B 616 -24.88 9.82 42.42
N ALA B 617 -23.98 10.28 43.29
CA ALA B 617 -24.41 10.91 44.53
C ALA B 617 -25.15 12.22 44.27
N VAL B 618 -24.56 13.11 43.46
CA VAL B 618 -25.15 14.44 43.31
C VAL B 618 -26.32 14.42 42.33
N THR B 619 -26.28 13.51 41.35
CA THR B 619 -27.39 13.40 40.41
C THR B 619 -28.68 13.00 41.12
N ALA B 620 -28.59 12.01 42.02
CA ALA B 620 -29.75 11.61 42.80
C ALA B 620 -30.11 12.68 43.84
N HIS B 621 -29.10 13.28 44.47
CA HIS B 621 -29.37 14.27 45.51
C HIS B 621 -30.08 15.49 44.95
N PHE B 622 -29.65 15.98 43.78
CA PHE B 622 -30.30 17.12 43.17
C PHE B 622 -31.67 16.78 42.61
N GLN B 623 -31.95 15.50 42.35
CA GLN B 623 -33.27 15.11 41.87
C GLN B 623 -34.29 15.15 43.00
N THR B 624 -33.92 14.70 44.20
CA THR B 624 -34.84 14.57 45.32
C THR B 624 -34.57 15.58 46.42
N HIS B 625 -33.78 16.60 46.16
CA HIS B 625 -33.47 17.61 47.17
C HIS B 625 -32.92 18.83 46.46
N THR B 626 -33.45 20.01 46.82
CA THR B 626 -33.20 21.24 46.07
C THR B 626 -32.23 22.18 46.79
N THR B 627 -31.22 21.64 47.46
CA THR B 627 -30.20 22.45 48.09
C THR B 627 -28.82 21.95 47.68
N PRO B 628 -27.82 22.83 47.68
CA PRO B 628 -26.46 22.39 47.35
C PRO B 628 -25.95 21.36 48.35
N ILE B 629 -25.15 20.42 47.86
CA ILE B 629 -24.61 19.34 48.68
C ILE B 629 -23.08 19.47 48.70
N LEU B 630 -22.50 19.04 49.82
CA LEU B 630 -21.06 19.12 50.03
C LEU B 630 -20.40 17.79 49.74
N LEU B 631 -19.31 17.82 48.99
CA LEU B 631 -18.55 16.62 48.64
C LEU B 631 -17.30 16.56 49.49
N SER B 632 -17.12 15.44 50.19
CA SER B 632 -16.01 15.27 51.11
C SER B 632 -14.99 14.25 50.63
N ASN B 633 -15.44 13.11 50.11
CA ASN B 633 -14.52 12.08 49.65
C ASN B 633 -13.70 12.60 48.46
N ASN B 634 -12.39 12.32 48.48
CA ASN B 634 -11.46 12.76 47.44
C ASN B 634 -11.50 14.28 47.28
N PHE B 635 -11.52 14.99 48.41
CA PHE B 635 -11.54 16.45 48.41
C PHE B 635 -10.81 16.94 49.64
N ILE B 636 -9.88 17.89 49.43
CA ILE B 636 -9.16 18.48 50.56
C ILE B 636 -10.10 19.31 51.42
N GLU B 637 -10.90 20.17 50.79
CA GLU B 637 -11.91 20.98 51.45
C GLU B 637 -13.23 20.76 50.75
N PRO B 638 -14.32 20.58 51.49
CA PRO B 638 -15.60 20.22 50.84
C PRO B 638 -16.03 21.26 49.82
N LEU B 639 -16.60 20.76 48.72
CA LEU B 639 -17.05 21.58 47.60
C LEU B 639 -18.57 21.67 47.64
N GLU B 640 -19.11 22.88 47.54
CA GLU B 640 -20.54 23.11 47.60
C GLU B 640 -21.07 23.24 46.17
N ILE B 641 -21.33 22.08 45.56
CA ILE B 641 -21.94 22.08 44.23
C ILE B 641 -23.40 22.49 44.36
N THR B 642 -23.81 23.43 43.52
CA THR B 642 -25.12 24.04 43.62
C THR B 642 -25.99 23.56 42.46
N LYS B 643 -27.30 23.72 42.60
CA LYS B 643 -28.25 23.08 41.68
C LYS B 643 -28.16 23.61 40.25
N GLU B 644 -27.98 24.92 40.08
CA GLU B 644 -28.11 25.50 38.74
C GLU B 644 -27.03 24.96 37.80
N ILE B 645 -25.79 24.85 38.28
CA ILE B 645 -24.70 24.43 37.40
C ILE B 645 -24.93 23.01 36.90
N TYR B 646 -25.50 22.14 37.74
CA TYR B 646 -25.92 20.82 37.27
C TYR B 646 -27.05 20.94 36.27
N ASP B 647 -27.98 21.87 36.49
CA ASP B 647 -29.06 22.10 35.54
C ASP B 647 -28.51 22.60 34.21
N LEU B 648 -27.44 23.41 34.26
CA LEU B 648 -26.77 23.81 33.03
C LEU B 648 -26.21 22.61 32.28
N ASN B 649 -25.62 21.66 33.01
CA ASN B 649 -24.99 20.50 32.39
C ASN B 649 -25.99 19.40 32.04
N ASN B 650 -27.24 19.52 32.45
CA ASN B 650 -28.26 18.52 32.12
C ASN B 650 -28.61 18.55 30.64
N PRO B 655 -28.08 20.73 21.48
CA PRO B 655 -27.96 22.11 21.95
C PRO B 655 -27.85 22.20 23.47
N LYS B 656 -26.79 21.63 24.03
CA LYS B 656 -26.56 21.69 25.47
C LYS B 656 -26.28 23.11 25.90
N LYS B 657 -26.59 23.41 27.17
CA LYS B 657 -26.33 24.73 27.70
C LYS B 657 -24.82 24.95 27.86
N PHE B 658 -24.47 26.23 28.06
CA PHE B 658 -23.08 26.71 28.09
C PHE B 658 -22.23 26.12 26.97
N GLN B 659 -22.86 25.81 25.83
CA GLN B 659 -22.17 25.29 24.67
C GLN B 659 -22.48 26.18 23.48
N THR B 660 -21.60 26.15 22.48
CA THR B 660 -21.69 27.07 21.34
C THR B 660 -23.05 26.99 20.67
N ALA B 661 -23.66 25.81 20.65
CA ALA B 661 -24.97 25.66 20.03
C ALA B 661 -26.03 26.47 20.77
N TYR B 662 -25.98 26.50 22.10
CA TYR B 662 -27.00 27.19 22.88
C TYR B 662 -26.99 28.69 22.58
N ALA B 663 -25.80 29.30 22.55
CA ALA B 663 -25.72 30.72 22.23
C ALA B 663 -26.07 30.99 20.76
N LYS B 664 -25.71 30.06 19.86
CA LYS B 664 -26.01 30.25 18.45
C LYS B 664 -27.51 30.25 18.20
N LYS B 665 -28.25 29.38 18.89
CA LYS B 665 -29.68 29.23 18.63
C LYS B 665 -30.51 30.15 19.52
N THR B 666 -30.40 30.00 20.84
CA THR B 666 -31.21 30.81 21.75
C THR B 666 -30.85 32.28 21.66
N GLY B 667 -29.55 32.60 21.60
CA GLY B 667 -29.12 33.98 21.50
C GLY B 667 -29.07 34.73 22.81
N ASP B 668 -29.32 34.08 23.94
CA ASP B 668 -29.28 34.72 25.25
C ASP B 668 -27.80 34.91 25.64
N GLN B 669 -27.20 35.95 25.08
CA GLN B 669 -25.78 36.21 25.33
C GLN B 669 -25.51 36.58 26.78
N LYS B 670 -26.39 37.38 27.39
CA LYS B 670 -26.18 37.78 28.77
C LYS B 670 -26.27 36.57 29.70
N GLY B 671 -27.23 35.68 29.44
CA GLY B 671 -27.29 34.44 30.20
C GLY B 671 -26.09 33.56 29.98
N TYR B 672 -25.56 33.56 28.75
CA TYR B 672 -24.36 32.79 28.44
C TYR B 672 -23.18 33.21 29.29
N ARG B 673 -22.82 34.49 29.23
CA ARG B 673 -21.56 34.93 29.84
C ARG B 673 -21.58 34.75 31.36
N GLU B 674 -22.72 35.01 31.99
CA GLU B 674 -22.84 34.76 33.43
C GLU B 674 -22.76 33.27 33.75
N ALA B 675 -23.49 32.43 32.99
CA ALA B 675 -23.46 31.00 33.26
C ALA B 675 -22.08 30.42 33.01
N LEU B 676 -21.41 30.83 31.94
CA LEU B 676 -20.05 30.35 31.69
C LEU B 676 -19.09 30.81 32.79
N CYS B 677 -19.25 32.05 33.27
CA CYS B 677 -18.39 32.53 34.34
C CYS B 677 -18.56 31.68 35.60
N LYS B 678 -19.80 31.32 35.94
CA LYS B 678 -20.01 30.43 37.07
C LYS B 678 -19.48 29.03 36.80
N TRP B 679 -19.71 28.52 35.58
CA TRP B 679 -19.22 27.18 35.24
C TRP B 679 -17.70 27.13 35.24
N ILE B 680 -17.05 28.10 34.60
CA ILE B 680 -15.59 28.15 34.59
C ILE B 680 -15.05 28.32 36.00
N ASP B 681 -15.68 29.20 36.79
CA ASP B 681 -15.28 29.34 38.18
C ASP B 681 -15.50 28.04 38.95
N PHE B 682 -16.60 27.34 38.65
CA PHE B 682 -16.86 26.07 39.30
C PHE B 682 -15.77 25.05 38.96
N THR B 683 -15.36 24.99 37.69
CA THR B 683 -14.25 24.12 37.33
C THR B 683 -12.98 24.53 38.09
N ARG B 684 -12.64 25.81 38.05
CA ARG B 684 -11.50 26.29 38.83
C ARG B 684 -11.69 26.00 40.31
N ASP B 685 -12.94 26.06 40.78
CA ASP B 685 -13.23 25.64 42.15
C ASP B 685 -12.98 24.16 42.33
N PHE B 686 -13.32 23.34 41.33
CA PHE B 686 -13.14 21.90 41.45
C PHE B 686 -11.67 21.51 41.48
N LEU B 687 -10.85 22.12 40.60
CA LEU B 687 -9.45 21.75 40.53
C LEU B 687 -8.73 22.03 41.84
N SER B 688 -8.98 23.19 42.44
CA SER B 688 -8.30 23.55 43.68
C SER B 688 -8.80 22.73 44.87
N LYS B 689 -9.92 22.02 44.72
CA LYS B 689 -10.50 21.27 45.82
C LYS B 689 -10.31 19.77 45.69
N TYR B 690 -10.05 19.27 44.48
CA TYR B 690 -9.87 17.83 44.30
C TYR B 690 -8.58 17.36 44.96
N THR B 691 -8.53 16.07 45.30
CA THR B 691 -7.44 15.54 46.10
C THR B 691 -6.12 15.47 45.35
N LYS B 692 -6.13 15.43 44.02
CA LYS B 692 -4.90 15.28 43.25
C LYS B 692 -4.56 16.49 42.39
N THR B 693 -5.52 17.36 42.10
CA THR B 693 -5.27 18.52 41.26
C THR B 693 -5.01 19.79 42.07
N THR B 694 -4.96 19.70 43.39
CA THR B 694 -4.75 20.90 44.20
C THR B 694 -3.29 21.34 44.19
N SER B 695 -2.36 20.42 43.98
CA SER B 695 -0.94 20.75 44.06
C SER B 695 -0.45 21.53 42.85
N ILE B 696 -1.02 21.29 41.67
CA ILE B 696 -0.53 21.93 40.46
C ILE B 696 -0.83 23.41 40.48
N ASP B 697 0.11 24.22 40.02
CA ASP B 697 -0.04 25.67 40.01
C ASP B 697 -0.90 26.13 38.85
N LEU B 698 -2.19 26.35 39.12
CA LEU B 698 -3.13 26.78 38.10
C LEU B 698 -3.36 28.29 38.09
N SER B 699 -2.56 29.05 38.84
CA SER B 699 -2.70 30.50 38.87
C SER B 699 -2.42 31.13 37.51
N SER B 700 -1.76 30.42 36.61
CA SER B 700 -1.53 30.94 35.27
C SER B 700 -2.82 31.05 34.48
N LEU B 701 -3.90 30.40 34.93
CA LEU B 701 -5.18 30.51 34.25
C LEU B 701 -5.76 31.91 34.43
N ARG B 702 -6.35 32.43 33.36
CA ARG B 702 -6.96 33.75 33.41
C ARG B 702 -8.29 33.69 34.16
N PRO B 703 -8.77 34.83 34.65
CA PRO B 703 -10.12 34.87 35.21
C PRO B 703 -11.16 34.57 34.14
N SER B 704 -12.32 34.10 34.59
CA SER B 704 -13.35 33.58 33.70
C SER B 704 -13.98 34.66 32.82
N SER B 705 -13.72 35.94 33.09
CA SER B 705 -14.39 37.00 32.36
C SER B 705 -13.99 37.06 30.89
N GLN B 706 -12.78 36.62 30.53
CA GLN B 706 -12.27 36.79 29.18
C GLN B 706 -12.05 35.44 28.49
N TYR B 707 -12.90 34.45 28.80
CA TYR B 707 -12.86 33.16 28.14
C TYR B 707 -14.03 33.06 27.17
N LYS B 708 -13.71 32.88 25.88
CA LYS B 708 -14.75 32.89 24.86
C LYS B 708 -15.64 31.67 24.95
N ASP B 709 -15.05 30.48 25.08
CA ASP B 709 -15.82 29.24 25.06
C ASP B 709 -15.01 28.15 25.76
N LEU B 710 -15.55 26.93 25.75
CA LEU B 710 -14.90 25.82 26.42
C LEU B 710 -13.67 25.35 25.68
N GLY B 711 -13.62 25.55 24.36
CA GLY B 711 -12.51 25.02 23.58
C GLY B 711 -11.18 25.61 24.00
N GLU B 712 -11.13 26.94 24.16
CA GLU B 712 -9.87 27.57 24.55
C GLU B 712 -9.54 27.29 26.01
N TYR B 713 -10.55 27.18 26.87
CA TYR B 713 -10.29 26.97 28.29
C TYR B 713 -9.76 25.56 28.54
N TYR B 714 -10.40 24.54 27.95
CA TYR B 714 -9.94 23.17 28.14
C TYR B 714 -8.59 22.93 27.49
N ALA B 715 -8.36 23.54 26.32
CA ALA B 715 -7.05 23.42 25.68
C ALA B 715 -5.96 24.05 26.51
N GLU B 716 -6.32 25.01 27.37
CA GLU B 716 -5.34 25.63 28.26
C GLU B 716 -5.21 24.85 29.56
N LEU B 717 -6.32 24.32 30.08
CA LEU B 717 -6.28 23.64 31.37
C LEU B 717 -5.66 22.25 31.25
N ASN B 718 -5.83 21.59 30.11
CA ASN B 718 -5.34 20.22 29.96
C ASN B 718 -3.83 20.08 30.13
N PRO B 719 -2.98 20.88 29.48
CA PRO B 719 -1.52 20.68 29.64
C PRO B 719 -1.03 20.90 31.05
N LEU B 720 -1.75 21.68 31.87
CA LEU B 720 -1.28 21.96 33.22
C LEU B 720 -1.45 20.74 34.13
N LEU B 721 -2.42 19.87 33.81
CA LEU B 721 -2.68 18.71 34.67
C LEU B 721 -1.59 17.66 34.55
N TYR B 722 -1.14 17.38 33.33
CA TYR B 722 -0.16 16.32 33.10
C TYR B 722 1.23 16.79 33.49
N HIS B 723 1.98 15.91 34.16
CA HIS B 723 3.30 16.25 34.67
C HIS B 723 4.07 14.98 35.02
N ILE B 724 5.38 15.00 34.79
CA ILE B 724 6.28 13.92 35.17
C ILE B 724 7.41 14.50 36.02
N SER B 725 7.66 13.87 37.15
CA SER B 725 8.76 14.25 38.03
C SER B 725 9.53 13.00 38.45
N PHE B 726 10.80 13.18 38.78
CA PHE B 726 11.67 12.09 39.18
C PHE B 726 12.15 12.30 40.60
N GLN B 727 12.16 11.22 41.38
CA GLN B 727 12.67 11.23 42.74
C GLN B 727 13.60 10.05 42.94
N ARG B 728 14.75 10.30 43.56
CA ARG B 728 15.76 9.26 43.72
C ARG B 728 15.29 8.18 44.69
N ILE B 729 15.51 6.93 44.31
CA ILE B 729 15.22 5.77 45.15
C ILE B 729 16.52 5.04 45.41
N ALA B 730 16.79 4.72 46.67
CA ALA B 730 18.07 4.13 47.05
C ALA B 730 18.29 2.80 46.34
N GLU B 731 19.55 2.55 45.97
CA GLU B 731 19.89 1.32 45.26
C GLU B 731 19.66 0.08 46.11
N LYS B 732 19.83 0.20 47.43
CA LYS B 732 19.67 -0.96 48.30
C LYS B 732 18.23 -1.49 48.25
N GLU B 733 17.25 -0.59 48.23
CA GLU B 733 15.85 -1.03 48.15
C GLU B 733 15.56 -1.70 46.81
N ILE B 734 16.08 -1.13 45.72
CA ILE B 734 15.81 -1.69 44.40
C ILE B 734 16.45 -3.06 44.25
N MET B 735 17.72 -3.17 44.66
CA MET B 735 18.42 -4.46 44.54
C MET B 735 17.78 -5.51 45.43
N ASP B 736 17.39 -5.14 46.65
CA ASP B 736 16.75 -6.09 47.55
C ASP B 736 15.36 -6.48 47.04
N ALA B 737 14.65 -5.55 46.40
CA ALA B 737 13.36 -5.89 45.81
C ALA B 737 13.53 -6.92 44.71
N VAL B 738 14.55 -6.76 43.87
CA VAL B 738 14.84 -7.78 42.85
C VAL B 738 15.35 -9.05 43.50
N GLU B 739 16.14 -8.91 44.57
CA GLU B 739 16.67 -10.07 45.28
C GLU B 739 15.54 -10.97 45.79
N THR B 740 14.58 -10.38 46.51
CA THR B 740 13.48 -11.17 47.05
C THR B 740 12.48 -11.54 45.95
N GLY B 741 12.36 -10.72 44.91
CA GLY B 741 11.46 -10.99 43.82
C GLY B 741 10.23 -10.10 43.76
N LYS B 742 10.16 -9.03 44.55
CA LYS B 742 9.01 -8.15 44.50
C LYS B 742 9.02 -7.25 43.28
N LEU B 743 10.18 -6.98 42.70
CA LEU B 743 10.29 -6.11 41.53
C LEU B 743 11.06 -6.83 40.44
N TYR B 744 10.58 -6.68 39.20
CA TYR B 744 11.24 -7.24 38.02
C TYR B 744 11.90 -6.11 37.26
N LEU B 745 13.24 -6.11 37.24
CA LEU B 745 13.99 -5.06 36.59
C LEU B 745 14.34 -5.47 35.16
N PHE B 746 14.04 -4.60 34.20
CA PHE B 746 14.32 -4.84 32.79
C PHE B 746 15.00 -3.60 32.22
N GLN B 747 16.25 -3.76 31.79
CA GLN B 747 16.95 -2.64 31.17
C GLN B 747 16.48 -2.45 29.73
N ILE B 748 16.31 -1.21 29.33
CA ILE B 748 15.90 -0.86 27.97
C ILE B 748 17.15 -0.75 27.11
N TYR B 749 17.18 -1.49 26.00
CA TYR B 749 18.40 -1.65 25.21
C TYR B 749 18.05 -1.62 23.73
N ASN B 750 18.66 -0.68 23.00
CA ASN B 750 18.47 -0.59 21.56
C ASN B 750 19.78 -0.26 20.85
N LYS B 751 20.88 -0.83 21.33
CA LYS B 751 22.20 -0.78 20.70
C LYS B 751 22.81 0.61 20.80
N ASP B 752 22.04 1.59 21.28
CA ASP B 752 22.57 2.92 21.55
C ASP B 752 23.01 3.07 22.99
N PHE B 753 22.83 2.03 23.80
CA PHE B 753 23.33 2.00 25.18
C PHE B 753 24.43 0.97 25.35
N ALA B 754 24.99 0.46 24.25
CA ALA B 754 26.04 -0.53 24.31
C ALA B 754 27.35 0.09 24.77
N LYS B 755 28.23 -0.76 25.32
CA LYS B 755 29.52 -0.28 25.79
C LYS B 755 30.37 0.26 24.65
N GLY B 756 30.38 -0.44 23.52
CA GLY B 756 31.14 -0.02 22.37
C GLY B 756 30.45 0.94 21.45
N HIS B 757 29.25 1.40 21.82
CA HIS B 757 28.50 2.32 20.97
C HIS B 757 29.23 3.64 20.81
N HIS B 758 29.28 4.12 19.57
CA HIS B 758 29.84 5.43 19.26
C HIS B 758 29.27 5.88 17.93
N GLY B 759 28.77 7.10 17.88
CA GLY B 759 28.11 7.64 16.70
C GLY B 759 26.71 8.11 17.00
N LYS B 760 26.14 8.78 16.00
CA LYS B 760 24.80 9.34 16.16
C LYS B 760 23.79 8.21 16.31
N PRO B 761 22.86 8.32 17.26
CA PRO B 761 21.95 7.22 17.57
C PRO B 761 20.76 7.19 16.62
N ASN B 762 19.85 6.25 16.91
CA ASN B 762 18.62 6.12 16.13
C ASN B 762 17.64 7.24 16.48
N LEU B 763 16.68 7.45 15.59
CA LEU B 763 15.64 8.44 15.84
C LEU B 763 14.77 8.04 17.02
N HIS B 764 14.45 6.74 17.12
CA HIS B 764 13.64 6.26 18.25
C HIS B 764 14.38 6.43 19.56
N THR B 765 15.70 6.25 19.55
CA THR B 765 16.49 6.51 20.76
C THR B 765 16.43 7.98 21.14
N LEU B 766 16.50 8.87 20.15
CA LEU B 766 16.40 10.30 20.44
C LEU B 766 15.03 10.66 21.00
N TYR B 767 13.98 10.03 20.49
CA TYR B 767 12.65 10.24 21.06
C TYR B 767 12.59 9.78 22.50
N TRP B 768 13.21 8.64 22.80
CA TRP B 768 13.28 8.17 24.19
C TRP B 768 14.16 9.08 25.03
N THR B 769 15.34 9.45 24.52
CA THR B 769 16.22 10.36 25.25
C THR B 769 15.59 11.74 25.42
N GLY B 770 14.95 12.25 24.36
CA GLY B 770 14.33 13.55 24.43
C GLY B 770 13.08 13.60 25.30
N LEU B 771 12.42 12.46 25.51
CA LEU B 771 11.25 12.43 26.36
C LEU B 771 11.63 12.73 27.81
N PHE B 772 12.76 12.21 28.27
CA PHE B 772 13.21 12.37 29.64
C PHE B 772 14.24 13.49 29.80
N SER B 773 14.43 14.30 28.77
CA SER B 773 15.31 15.46 28.90
C SER B 773 14.70 16.45 29.89
N PRO B 774 15.54 17.22 30.60
CA PRO B 774 15.00 18.20 31.55
C PRO B 774 14.11 19.23 30.89
N GLU B 775 14.34 19.57 29.63
CA GLU B 775 13.48 20.53 28.94
C GLU B 775 12.07 20.00 28.78
N ASN B 776 11.94 18.71 28.44
CA ASN B 776 10.61 18.14 28.20
C ASN B 776 9.83 17.99 29.49
N LEU B 777 10.50 17.62 30.59
CA LEU B 777 9.81 17.52 31.87
C LEU B 777 9.29 18.88 32.32
N ALA B 778 10.08 19.93 32.14
CA ALA B 778 9.63 21.27 32.51
C ALA B 778 8.51 21.76 31.60
N LYS B 779 8.66 21.57 30.29
CA LYS B 779 7.65 21.96 29.31
C LYS B 779 7.40 20.77 28.40
N THR B 780 6.20 20.21 28.47
CA THR B 780 5.91 18.95 27.80
C THR B 780 5.71 19.15 26.30
N SER B 781 6.47 18.42 25.51
CA SER B 781 6.22 18.27 24.08
C SER B 781 6.16 16.83 23.61
N ILE B 782 6.73 15.89 24.36
CA ILE B 782 6.59 14.46 24.12
C ILE B 782 5.92 13.86 25.34
N LYS B 783 4.75 13.26 25.14
CA LYS B 783 3.97 12.69 26.23
C LYS B 783 4.08 11.17 26.20
N LEU B 784 4.27 10.58 27.37
CA LEU B 784 4.37 9.13 27.51
C LEU B 784 2.97 8.56 27.64
N ASN B 785 2.46 8.00 26.54
CA ASN B 785 1.13 7.43 26.55
C ASN B 785 1.10 6.10 27.28
N GLY B 786 -0.07 5.74 27.79
CA GLY B 786 -0.27 4.48 28.47
C GLY B 786 -0.51 3.35 27.50
N GLN B 787 -1.02 2.24 28.05
CA GLN B 787 -1.31 1.03 27.27
C GLN B 787 -0.05 0.49 26.61
N ALA B 788 1.06 0.47 27.35
CA ALA B 788 2.27 -0.16 26.86
C ALA B 788 2.13 -1.67 26.89
N GLU B 789 2.93 -2.34 26.06
CA GLU B 789 2.83 -3.78 25.89
C GLU B 789 4.20 -4.42 26.03
N LEU B 790 4.20 -5.66 26.54
CA LEU B 790 5.41 -6.45 26.72
C LEU B 790 5.30 -7.72 25.89
N PHE B 791 6.41 -8.11 25.25
CA PHE B 791 6.42 -9.24 24.34
C PHE B 791 7.65 -10.11 24.60
N TYR B 792 7.50 -11.42 24.35
CA TYR B 792 8.56 -12.39 24.54
C TYR B 792 8.68 -13.22 23.27
N ARG B 793 9.90 -13.28 22.73
CA ARG B 793 10.14 -13.97 21.47
C ARG B 793 10.97 -15.22 21.70
N PRO B 794 10.43 -16.42 21.45
CA PRO B 794 11.23 -17.63 21.61
C PRO B 794 12.37 -17.68 20.59
N LYS B 795 13.44 -18.38 20.97
CA LYS B 795 14.61 -18.49 20.10
C LYS B 795 14.28 -19.32 18.87
N SER B 796 15.04 -19.07 17.80
CA SER B 796 14.88 -19.78 16.53
C SER B 796 16.23 -20.27 16.03
N ARG B 797 17.02 -20.86 16.92
CA ARG B 797 18.35 -21.34 16.56
C ARG B 797 18.22 -22.66 15.84
N MET B 798 18.18 -22.61 14.50
CA MET B 798 18.16 -23.80 13.67
C MET B 798 19.39 -23.98 12.82
N LYS B 799 20.12 -22.90 12.51
CA LYS B 799 21.35 -23.00 11.72
C LYS B 799 22.22 -21.80 12.09
N ARG B 800 23.22 -22.03 12.93
CA ARG B 800 24.08 -20.95 13.41
C ARG B 800 25.31 -20.84 12.52
N MET B 801 25.52 -19.65 11.97
CA MET B 801 26.73 -19.31 11.24
C MET B 801 27.50 -18.26 12.03
N ALA B 802 28.81 -18.43 12.12
CA ALA B 802 29.61 -17.54 12.95
C ALA B 802 31.01 -17.42 12.35
N HIS B 803 31.66 -16.32 12.71
CA HIS B 803 33.06 -16.09 12.34
C HIS B 803 33.93 -16.44 13.54
N ARG B 804 34.38 -17.69 13.60
CA ARG B 804 35.20 -18.12 14.71
C ARG B 804 36.56 -17.45 14.67
N LEU B 805 37.19 -17.37 15.84
CA LEU B 805 38.51 -16.75 15.94
C LEU B 805 39.52 -17.52 15.11
N GLY B 806 40.35 -16.79 14.36
CA GLY B 806 41.31 -17.37 13.47
C GLY B 806 40.88 -17.40 12.02
N GLU B 807 39.58 -17.29 11.74
CA GLU B 807 39.12 -17.20 10.37
C GLU B 807 39.37 -15.79 9.82
N LYS B 808 39.18 -15.65 8.51
CA LYS B 808 39.52 -14.42 7.80
C LYS B 808 38.24 -13.84 7.21
N MET B 809 37.84 -12.68 7.70
CA MET B 809 36.67 -11.98 7.17
C MET B 809 36.93 -11.54 5.74
N LEU B 810 35.84 -11.41 4.96
CA LEU B 810 35.90 -10.84 3.63
C LEU B 810 34.88 -9.73 3.52
N ASN B 811 35.34 -8.53 3.17
CA ASN B 811 34.43 -7.42 2.96
C ASN B 811 33.63 -7.64 1.69
N LYS B 812 32.36 -7.21 1.72
CA LYS B 812 31.52 -7.30 0.54
C LYS B 812 31.84 -6.24 -0.51
N LYS B 813 32.72 -5.30 -0.19
CA LYS B 813 33.10 -4.23 -1.10
C LYS B 813 34.58 -4.34 -1.45
N LEU B 814 34.94 -3.74 -2.59
CA LEU B 814 36.30 -3.81 -3.10
C LEU B 814 37.15 -2.77 -2.39
N LYS B 815 38.35 -2.49 -2.94
CA LYS B 815 39.25 -1.55 -2.28
C LYS B 815 38.64 -0.16 -2.15
N ASP B 816 37.79 0.23 -3.10
CA ASP B 816 37.18 1.55 -3.08
C ASP B 816 35.97 1.63 -2.15
N GLN B 817 35.66 0.54 -1.45
CA GLN B 817 34.54 0.43 -0.52
C GLN B 817 33.26 1.04 -1.06
N LYS B 818 33.06 0.96 -2.38
CA LYS B 818 31.84 1.44 -3.00
C LYS B 818 31.25 0.50 -4.05
N THR B 819 32.02 -0.43 -4.61
CA THR B 819 31.51 -1.33 -5.64
C THR B 819 31.37 -2.73 -5.06
N PRO B 820 30.15 -3.21 -4.78
CA PRO B 820 30.00 -4.53 -4.16
C PRO B 820 30.40 -5.67 -5.09
N ILE B 821 30.87 -6.74 -4.48
CA ILE B 821 31.20 -7.99 -5.18
C ILE B 821 29.90 -8.67 -5.60
N PRO B 822 29.87 -9.36 -6.73
CA PRO B 822 28.68 -10.16 -7.06
C PRO B 822 28.42 -11.22 -6.01
N ASP B 823 27.13 -11.56 -5.85
CA ASP B 823 26.73 -12.47 -4.78
C ASP B 823 27.38 -13.84 -4.95
N THR B 824 27.38 -14.37 -6.16
CA THR B 824 27.96 -15.69 -6.40
C THR B 824 29.47 -15.67 -6.24
N LEU B 825 30.12 -14.59 -6.70
CA LEU B 825 31.58 -14.52 -6.63
C LEU B 825 32.04 -14.29 -5.20
N TYR B 826 31.22 -13.61 -4.39
CA TYR B 826 31.62 -13.30 -3.02
C TYR B 826 31.77 -14.57 -2.19
N GLN B 827 30.84 -15.51 -2.35
CA GLN B 827 30.93 -16.76 -1.59
C GLN B 827 32.16 -17.57 -1.99
N GLU B 828 32.45 -17.63 -3.29
CA GLU B 828 33.61 -18.39 -3.75
C GLU B 828 34.90 -17.76 -3.25
N LEU B 829 35.00 -16.44 -3.29
CA LEU B 829 36.18 -15.76 -2.77
C LEU B 829 36.32 -15.94 -1.26
N TYR B 830 35.19 -15.89 -0.53
CA TYR B 830 35.24 -16.04 0.92
C TYR B 830 35.74 -17.43 1.31
N ASP B 831 35.29 -18.46 0.60
CA ASP B 831 35.75 -19.82 0.89
C ASP B 831 37.25 -19.97 0.59
N TYR B 832 37.71 -19.38 -0.50
CA TYR B 832 39.12 -19.50 -0.87
C TYR B 832 40.01 -18.74 0.10
N VAL B 833 39.55 -17.57 0.58
CA VAL B 833 40.33 -16.81 1.54
C VAL B 833 40.55 -17.61 2.82
N ASN B 834 39.50 -18.28 3.30
CA ASN B 834 39.61 -19.16 4.45
C ASN B 834 40.19 -20.52 4.10
N HIS B 835 40.54 -20.75 2.83
CA HIS B 835 41.12 -22.02 2.38
C HIS B 835 40.20 -23.19 2.67
N ARG B 836 38.91 -23.01 2.42
CA ARG B 836 37.92 -24.05 2.62
C ARG B 836 37.37 -24.62 1.32
N LEU B 837 37.47 -23.89 0.21
CA LEU B 837 36.91 -24.32 -1.06
C LEU B 837 37.73 -25.48 -1.63
N SER B 838 37.06 -26.58 -1.92
CA SER B 838 37.73 -27.74 -2.53
C SER B 838 38.00 -27.51 -4.01
N HIS B 839 37.13 -26.79 -4.71
CA HIS B 839 37.28 -26.57 -6.14
C HIS B 839 38.24 -25.40 -6.38
N ASP B 840 38.30 -24.94 -7.62
CA ASP B 840 39.18 -23.85 -8.02
C ASP B 840 38.34 -22.64 -8.42
N LEU B 841 38.94 -21.46 -8.31
CA LEU B 841 38.23 -20.23 -8.62
C LEU B 841 38.05 -20.07 -10.12
N SER B 842 37.01 -19.31 -10.48
CA SER B 842 36.73 -19.01 -11.87
C SER B 842 37.72 -17.96 -12.39
N ASP B 843 37.67 -17.73 -13.70
CA ASP B 843 38.56 -16.73 -14.31
C ASP B 843 38.26 -15.34 -13.78
N GLU B 844 36.98 -14.98 -13.65
CA GLU B 844 36.63 -13.69 -13.09
C GLU B 844 36.89 -13.64 -11.59
N ALA B 845 36.85 -14.80 -10.91
CA ALA B 845 37.18 -14.83 -9.49
C ALA B 845 38.63 -14.47 -9.25
N ARG B 846 39.54 -14.99 -10.09
CA ARG B 846 40.94 -14.65 -9.97
C ARG B 846 41.18 -13.18 -10.25
N ALA B 847 40.48 -12.63 -11.25
CA ALA B 847 40.65 -11.22 -11.59
C ALA B 847 40.21 -10.32 -10.45
N LEU B 848 39.12 -10.67 -9.77
CA LEU B 848 38.61 -9.86 -8.68
C LEU B 848 39.32 -10.13 -7.36
N LEU B 849 40.20 -11.13 -7.32
CA LEU B 849 40.86 -11.50 -6.07
C LEU B 849 41.71 -10.37 -5.48
N PRO B 850 42.60 -9.70 -6.24
CA PRO B 850 43.40 -8.63 -5.63
C PRO B 850 42.57 -7.45 -5.15
N ASN B 851 41.36 -7.26 -5.69
CA ASN B 851 40.54 -6.12 -5.33
C ASN B 851 39.81 -6.28 -4.00
N VAL B 852 39.64 -7.51 -3.52
CA VAL B 852 38.91 -7.68 -2.26
C VAL B 852 39.82 -7.33 -1.09
N ILE B 853 39.20 -7.06 0.06
CA ILE B 853 39.90 -6.71 1.29
C ILE B 853 39.50 -7.69 2.37
N THR B 854 40.48 -8.24 3.07
CA THR B 854 40.26 -9.26 4.09
C THR B 854 40.68 -8.75 5.45
N LYS B 855 40.00 -9.24 6.49
CA LYS B 855 40.30 -8.90 7.87
C LYS B 855 40.29 -10.16 8.72
N GLU B 856 41.12 -10.18 9.77
CA GLU B 856 41.13 -11.29 10.69
C GLU B 856 40.04 -11.11 11.75
N VAL B 857 39.50 -12.23 12.23
CA VAL B 857 38.41 -12.22 13.19
C VAL B 857 39.01 -11.93 14.56
N SER B 858 38.97 -10.66 14.98
CA SER B 858 39.42 -10.32 16.33
C SER B 858 38.47 -10.89 17.39
N HIS B 859 37.17 -10.80 17.14
CA HIS B 859 36.17 -11.36 18.03
C HIS B 859 35.06 -11.97 17.19
N GLU B 860 34.40 -12.99 17.74
CA GLU B 860 33.40 -13.71 16.98
C GLU B 860 32.20 -12.81 16.67
N ILE B 861 31.69 -12.95 15.45
CA ILE B 861 30.49 -12.25 15.01
C ILE B 861 29.47 -13.31 14.63
N ILE B 862 28.35 -13.33 15.33
CA ILE B 862 27.33 -14.37 15.18
C ILE B 862 26.33 -13.89 14.14
N LYS B 863 26.15 -14.67 13.09
CA LYS B 863 25.14 -14.34 12.08
C LYS B 863 23.75 -14.48 12.69
N ASP B 864 22.96 -13.42 12.58
CA ASP B 864 21.58 -13.39 13.07
C ASP B 864 21.54 -13.68 14.57
N ARG B 865 22.40 -12.99 15.33
CA ARG B 865 22.45 -13.17 16.77
C ARG B 865 21.19 -12.69 17.47
N ARG B 866 20.34 -11.92 16.79
CA ARG B 866 19.12 -11.43 17.39
C ARG B 866 18.23 -12.58 17.84
N PHE B 867 18.10 -13.61 17.00
CA PHE B 867 17.16 -14.70 17.20
C PHE B 867 17.82 -15.96 17.75
N THR B 868 19.10 -15.90 18.10
CA THR B 868 19.77 -17.07 18.66
C THR B 868 19.17 -17.47 20.00
N SER B 869 18.86 -16.49 20.85
CA SER B 869 18.34 -16.77 22.18
C SER B 869 16.96 -16.14 22.38
N ASP B 870 16.43 -16.25 23.59
CA ASP B 870 15.12 -15.69 23.91
C ASP B 870 15.26 -14.23 24.30
N LYS B 871 14.33 -13.40 23.85
CA LYS B 871 14.40 -11.97 24.06
C LYS B 871 13.05 -11.45 24.56
N PHE B 872 13.10 -10.46 25.44
CA PHE B 872 11.93 -9.71 25.84
C PHE B 872 11.80 -8.44 25.00
N PHE B 873 10.64 -7.79 25.10
CA PHE B 873 10.39 -6.60 24.30
C PHE B 873 9.47 -5.65 25.05
N PHE B 874 9.50 -4.38 24.65
CA PHE B 874 8.72 -3.34 25.31
C PHE B 874 8.26 -2.36 24.23
N HIS B 875 7.01 -2.49 23.82
CA HIS B 875 6.40 -1.58 22.86
C HIS B 875 5.65 -0.51 23.64
N VAL B 876 6.19 0.71 23.65
CA VAL B 876 5.66 1.82 24.44
C VAL B 876 5.24 2.93 23.50
N PRO B 877 4.03 3.48 23.62
CA PRO B 877 3.61 4.57 22.74
C PRO B 877 3.89 5.94 23.33
N ILE B 878 4.30 6.86 22.47
CA ILE B 878 4.55 8.24 22.86
C ILE B 878 3.82 9.16 21.89
N THR B 879 3.51 10.36 22.38
CA THR B 879 2.80 11.36 21.59
C THR B 879 3.70 12.58 21.42
N LEU B 880 3.91 12.99 20.17
CA LEU B 880 4.76 14.12 19.83
C LEU B 880 3.91 15.31 19.44
N ASN B 881 4.43 16.50 19.73
CA ASN B 881 3.68 17.76 19.57
C ASN B 881 2.40 17.73 20.41
N TYR B 882 2.56 17.46 21.70
CA TYR B 882 1.42 17.27 22.59
C TYR B 882 0.61 18.55 22.79
N GLN B 883 1.20 19.71 22.54
CA GLN B 883 0.52 20.98 22.76
C GLN B 883 -0.28 21.45 21.55
N ALA B 884 -0.37 20.64 20.50
CA ALA B 884 -1.09 20.99 19.29
C ALA B 884 -2.44 20.29 19.27
N ALA B 885 -3.19 20.47 18.19
CA ALA B 885 -4.50 19.88 18.06
C ALA B 885 -4.40 18.39 17.71
N ASN B 886 -5.52 17.68 17.88
CA ASN B 886 -5.54 16.25 17.60
C ASN B 886 -5.32 15.97 16.12
N SER B 887 -5.96 16.75 15.25
CA SER B 887 -5.87 16.55 13.81
C SER B 887 -5.61 17.89 13.14
N PRO B 888 -4.93 17.90 12.00
CA PRO B 888 -4.71 19.16 11.28
C PRO B 888 -6.01 19.74 10.77
N SER B 889 -6.06 21.07 10.71
CA SER B 889 -7.23 21.81 10.25
C SER B 889 -6.83 22.62 9.02
N LYS B 890 -7.17 22.10 7.84
CA LYS B 890 -6.86 22.74 6.56
C LYS B 890 -5.36 23.01 6.44
N PHE B 891 -4.59 21.92 6.47
CA PHE B 891 -3.14 22.05 6.40
C PHE B 891 -2.68 22.57 5.05
N ASN B 892 -3.35 22.15 3.97
CA ASN B 892 -2.97 22.60 2.64
C ASN B 892 -3.15 24.10 2.48
N GLN B 893 -4.12 24.70 3.18
CA GLN B 893 -4.31 26.14 3.12
C GLN B 893 -3.11 26.88 3.71
N ARG B 894 -2.56 26.36 4.80
CA ARG B 894 -1.37 26.98 5.38
C ARG B 894 -0.18 26.91 4.44
N VAL B 895 0.02 25.75 3.80
CA VAL B 895 1.14 25.59 2.87
C VAL B 895 0.96 26.51 1.67
N ASN B 896 -0.25 26.56 1.12
CA ASN B 896 -0.52 27.44 -0.01
C ASN B 896 -0.35 28.90 0.37
N ALA B 897 -0.67 29.26 1.61
CA ALA B 897 -0.46 30.64 2.05
C ALA B 897 1.02 30.99 2.09
N TYR B 898 1.84 30.09 2.63
CA TYR B 898 3.28 30.32 2.66
C TYR B 898 3.86 30.37 1.25
N LEU B 899 3.41 29.46 0.38
CA LEU B 899 3.93 29.43 -0.98
C LEU B 899 3.56 30.69 -1.76
N LYS B 900 2.35 31.22 -1.53
CA LYS B 900 1.93 32.43 -2.24
C LYS B 900 2.79 33.62 -1.85
N GLU B 901 3.12 33.75 -0.57
CA GLU B 901 3.95 34.84 -0.11
C GLU B 901 5.43 34.59 -0.35
N HIS B 902 5.81 33.40 -0.80
CA HIS B 902 7.20 33.05 -1.07
C HIS B 902 7.30 32.50 -2.49
N PRO B 903 7.26 33.38 -3.50
CA PRO B 903 7.39 32.91 -4.89
C PRO B 903 8.75 32.28 -5.19
N GLU B 904 9.77 32.57 -4.38
CA GLU B 904 11.12 32.07 -4.63
C GLU B 904 11.35 30.68 -4.05
N THR B 905 10.32 29.99 -3.60
CA THR B 905 10.49 28.66 -3.02
C THR B 905 10.97 27.69 -4.10
N PRO B 906 12.11 27.05 -3.92
CA PRO B 906 12.60 26.12 -4.95
C PRO B 906 11.79 24.84 -4.98
N ILE B 907 12.00 24.08 -6.05
CA ILE B 907 11.29 22.83 -6.28
C ILE B 907 12.29 21.68 -6.20
N ILE B 908 11.78 20.49 -5.95
CA ILE B 908 12.57 19.27 -5.96
C ILE B 908 11.81 18.23 -6.77
N GLY B 909 12.34 17.87 -7.94
CA GLY B 909 11.71 16.88 -8.79
C GLY B 909 12.42 15.54 -8.68
N ILE B 910 11.63 14.49 -8.52
CA ILE B 910 12.15 13.14 -8.37
C ILE B 910 11.55 12.26 -9.46
N ASP B 911 12.43 11.55 -10.19
CA ASP B 911 12.01 10.66 -11.26
C ASP B 911 12.75 9.33 -11.12
N ARG B 912 12.15 8.28 -11.66
CA ARG B 912 12.78 6.95 -11.67
C ARG B 912 13.48 6.76 -13.01
N GLY B 913 14.80 6.92 -13.01
CA GLY B 913 15.58 6.71 -14.20
C GLY B 913 15.84 5.25 -14.46
N GLU B 914 16.49 4.98 -15.60
CA GLU B 914 16.86 3.62 -15.97
C GLU B 914 18.28 3.28 -15.55
N ARG B 915 19.24 4.17 -15.80
CA ARG B 915 20.60 4.00 -15.31
C ARG B 915 20.80 4.56 -13.92
N ASN B 916 19.79 5.20 -13.34
CA ASN B 916 19.83 5.67 -11.96
C ASN B 916 18.52 5.30 -11.28
N LEU B 917 18.62 4.72 -10.09
CA LEU B 917 17.43 4.28 -9.38
C LEU B 917 16.52 5.46 -9.05
N ILE B 918 17.06 6.47 -8.38
CA ILE B 918 16.33 7.68 -8.04
C ILE B 918 17.21 8.87 -8.42
N TYR B 919 16.63 9.83 -9.13
CA TYR B 919 17.39 10.97 -9.61
C TYR B 919 16.68 12.23 -9.17
N ILE B 920 17.43 13.27 -8.84
CA ILE B 920 16.86 14.49 -8.29
C ILE B 920 17.30 15.68 -9.13
N THR B 921 16.48 16.74 -9.10
CA THR B 921 16.80 17.99 -9.77
C THR B 921 16.01 19.11 -9.11
N VAL B 922 16.70 20.15 -8.66
CA VAL B 922 16.09 21.29 -7.99
C VAL B 922 16.11 22.48 -8.94
N ILE B 923 14.97 23.17 -9.03
CA ILE B 923 14.83 24.35 -9.87
C ILE B 923 14.23 25.48 -9.06
N ASP B 924 14.52 26.71 -9.49
CA ASP B 924 14.06 27.91 -8.82
C ASP B 924 12.78 28.42 -9.49
N SER B 925 12.36 29.64 -9.13
CA SER B 925 11.15 30.20 -9.68
C SER B 925 11.27 30.40 -11.19
N THR B 926 12.43 30.86 -11.66
CA THR B 926 12.61 31.06 -13.09
C THR B 926 12.73 29.74 -13.84
N GLY B 927 13.15 28.68 -13.16
CA GLY B 927 13.25 27.36 -13.76
C GLY B 927 14.67 26.85 -13.98
N LYS B 928 15.70 27.63 -13.66
CA LYS B 928 17.07 27.15 -13.85
C LYS B 928 17.40 26.04 -12.86
N ILE B 929 18.24 25.11 -13.30
CA ILE B 929 18.63 23.99 -12.47
C ILE B 929 19.71 24.43 -11.49
N LEU B 930 19.36 24.49 -10.21
CA LEU B 930 20.35 24.83 -9.19
C LEU B 930 21.27 23.65 -8.88
N GLU B 931 20.73 22.44 -8.90
CA GLU B 931 21.53 21.25 -8.58
C GLU B 931 20.79 20.02 -9.08
N GLN B 932 21.55 19.10 -9.68
CA GLN B 932 20.99 17.82 -10.10
C GLN B 932 21.94 16.72 -9.69
N ARG B 933 21.41 15.64 -9.12
CA ARG B 933 22.21 14.60 -8.50
C ARG B 933 21.55 13.24 -8.71
N SER B 934 22.38 12.20 -8.73
CA SER B 934 21.92 10.82 -8.84
C SER B 934 22.04 10.15 -7.49
N LEU B 935 20.95 9.54 -7.02
CA LEU B 935 20.88 8.99 -5.67
C LEU B 935 21.16 7.50 -5.62
N ASN B 936 21.85 6.95 -6.61
CA ASN B 936 22.18 5.53 -6.57
C ASN B 936 23.39 5.23 -5.69
N THR B 937 24.08 6.25 -5.19
CA THR B 937 25.21 6.09 -4.29
C THR B 937 24.90 6.83 -2.99
N ILE B 938 24.48 6.09 -1.97
CA ILE B 938 24.12 6.64 -0.68
C ILE B 938 25.02 6.02 0.38
N GLN B 939 25.66 6.88 1.18
CA GLN B 939 26.55 6.46 2.26
C GLN B 939 27.67 5.56 1.72
N GLN B 940 28.37 6.06 0.70
CA GLN B 940 29.54 5.41 0.13
C GLN B 940 29.24 3.97 -0.30
N PHE B 941 28.09 3.77 -0.93
CA PHE B 941 27.71 2.46 -1.42
C PHE B 941 26.87 2.60 -2.68
N ASP B 942 27.20 1.81 -3.70
CA ASP B 942 26.50 1.87 -4.98
C ASP B 942 25.34 0.89 -4.97
N TYR B 943 24.12 1.42 -5.12
CA TYR B 943 22.92 0.60 -5.05
C TYR B 943 22.41 0.15 -6.41
N GLN B 944 22.79 0.84 -7.49
CA GLN B 944 22.31 0.50 -8.83
C GLN B 944 23.43 0.03 -9.74
N LYS B 945 24.50 0.82 -9.87
CA LYS B 945 25.52 0.53 -10.88
C LYS B 945 26.14 -0.84 -10.66
N LYS B 946 26.26 -1.28 -9.41
CA LYS B 946 26.80 -2.61 -9.12
C LYS B 946 25.79 -3.53 -8.46
N LEU B 947 25.22 -3.15 -7.31
CA LEU B 947 24.49 -4.12 -6.49
C LEU B 947 23.23 -4.60 -7.18
N ASP B 948 22.40 -3.67 -7.67
CA ASP B 948 21.15 -4.09 -8.33
C ASP B 948 21.43 -4.78 -9.65
N ASN B 949 22.55 -4.45 -10.30
CA ASN B 949 22.90 -5.11 -11.55
C ASN B 949 23.22 -6.59 -11.32
N ARG B 950 23.97 -6.90 -10.26
CA ARG B 950 24.27 -8.30 -9.97
C ARG B 950 23.00 -9.06 -9.60
N GLU B 951 22.13 -8.45 -8.80
CA GLU B 951 20.86 -9.10 -8.46
C GLU B 951 19.99 -9.31 -9.68
N LYS B 952 19.96 -8.32 -10.59
CA LYS B 952 19.23 -8.50 -11.84
C LYS B 952 19.88 -9.55 -12.73
N GLU B 953 21.20 -9.67 -12.65
CA GLU B 953 21.88 -10.71 -13.41
C GLU B 953 21.52 -12.10 -12.88
N ARG B 954 21.40 -12.24 -11.56
CA ARG B 954 21.04 -13.53 -10.99
C ARG B 954 19.61 -13.93 -11.34
N VAL B 955 18.68 -12.97 -11.27
CA VAL B 955 17.29 -13.31 -11.60
C VAL B 955 17.15 -13.63 -13.07
N ALA B 956 18.01 -13.06 -13.92
CA ALA B 956 18.02 -13.43 -15.33
C ALA B 956 18.75 -14.74 -15.59
N ALA B 957 19.51 -15.23 -14.61
CA ALA B 957 20.25 -16.47 -14.77
C ALA B 957 19.47 -17.67 -14.22
N ARG B 958 18.93 -17.56 -13.01
CA ARG B 958 18.21 -18.65 -12.37
C ARG B 958 16.70 -18.50 -12.46
N GLN B 959 16.18 -17.28 -12.32
CA GLN B 959 14.73 -17.02 -12.33
C GLN B 959 14.04 -17.84 -11.24
N ALA B 960 14.48 -17.62 -10.01
CA ALA B 960 13.95 -18.31 -8.84
C ALA B 960 13.14 -17.33 -7.99
N TRP B 961 12.66 -17.81 -6.84
CA TRP B 961 11.86 -16.99 -5.94
C TRP B 961 12.72 -16.25 -4.92
N SER B 962 13.83 -16.85 -4.49
CA SER B 962 14.69 -16.22 -3.50
C SER B 962 15.30 -14.93 -4.04
N VAL B 963 15.72 -14.94 -5.32
CA VAL B 963 16.34 -13.76 -5.91
C VAL B 963 15.32 -12.62 -6.03
N VAL B 964 14.06 -12.97 -6.31
CA VAL B 964 13.02 -11.94 -6.38
C VAL B 964 12.79 -11.32 -5.02
N GLY B 965 12.75 -12.14 -3.97
CA GLY B 965 12.55 -11.60 -2.62
C GLY B 965 13.67 -10.68 -2.16
N THR B 966 14.91 -11.03 -2.50
CA THR B 966 16.04 -10.18 -2.14
C THR B 966 15.97 -8.84 -2.86
N ILE B 967 15.54 -8.84 -4.12
CA ILE B 967 15.47 -7.60 -4.89
C ILE B 967 14.44 -6.66 -4.28
N LYS B 968 13.26 -7.18 -3.92
CA LYS B 968 12.22 -6.35 -3.34
C LYS B 968 12.65 -5.78 -1.99
N ASP B 969 13.30 -6.60 -1.16
CA ASP B 969 13.79 -6.12 0.13
C ASP B 969 14.86 -5.05 -0.06
N LEU B 970 15.75 -5.23 -1.03
CA LEU B 970 16.78 -4.23 -1.29
C LEU B 970 16.18 -2.92 -1.76
N LYS B 971 15.16 -2.99 -2.62
CA LYS B 971 14.54 -1.76 -3.13
C LYS B 971 13.88 -0.98 -2.00
N GLN B 972 13.17 -1.66 -1.10
CA GLN B 972 12.57 -0.98 0.04
C GLN B 972 13.65 -0.42 0.97
N GLY B 973 14.72 -1.19 1.19
CA GLY B 973 15.81 -0.69 2.01
C GLY B 973 16.51 0.49 1.38
N TYR B 974 16.72 0.45 0.06
CA TYR B 974 17.33 1.58 -0.63
C TYR B 974 16.44 2.81 -0.55
N LEU B 975 15.13 2.63 -0.73
CA LEU B 975 14.21 3.77 -0.68
C LEU B 975 14.13 4.38 0.71
N SER B 976 14.44 3.59 1.74
CA SER B 976 14.53 4.14 3.09
C SER B 976 15.69 5.13 3.18
N GLN B 977 16.80 4.83 2.51
CA GLN B 977 17.92 5.76 2.48
C GLN B 977 17.58 7.01 1.68
N VAL B 978 16.67 6.89 0.72
CA VAL B 978 16.36 8.00 -0.17
C VAL B 978 15.64 9.11 0.57
N ILE B 979 14.68 8.75 1.44
CA ILE B 979 13.88 9.78 2.11
C ILE B 979 14.75 10.64 3.01
N HIS B 980 15.83 10.07 3.55
CA HIS B 980 16.78 10.88 4.30
C HIS B 980 17.46 11.90 3.41
N GLU B 981 17.81 11.49 2.18
CA GLU B 981 18.40 12.43 1.23
C GLU B 981 17.40 13.51 0.82
N ILE B 982 16.13 13.13 0.69
CA ILE B 982 15.10 14.08 0.28
C ILE B 982 14.89 15.13 1.38
N VAL B 983 14.72 14.68 2.62
CA VAL B 983 14.44 15.63 3.70
C VAL B 983 15.65 16.49 3.98
N ASP B 984 16.85 15.93 3.88
CA ASP B 984 18.06 16.73 4.06
C ASP B 984 18.20 17.76 2.95
N LEU B 985 17.88 17.37 1.72
CA LEU B 985 17.91 18.31 0.61
C LEU B 985 16.83 19.36 0.75
N MET B 986 15.63 18.95 1.16
CA MET B 986 14.49 19.87 1.19
C MET B 986 14.67 20.94 2.26
N ILE B 987 15.13 20.55 3.45
CA ILE B 987 15.30 21.53 4.52
C ILE B 987 16.42 22.51 4.18
N HIS B 988 17.48 22.01 3.53
CA HIS B 988 18.59 22.89 3.16
C HIS B 988 18.15 23.98 2.20
N TYR B 989 17.30 23.64 1.23
CA TYR B 989 16.80 24.61 0.27
C TYR B 989 15.49 25.25 0.67
N GLN B 990 14.85 24.77 1.75
CA GLN B 990 13.51 25.22 2.13
C GLN B 990 12.54 25.07 0.96
N ALA B 991 12.62 23.94 0.28
CA ALA B 991 11.97 23.74 -0.99
C ALA B 991 10.70 22.89 -0.84
N VAL B 992 10.04 22.66 -1.96
CA VAL B 992 8.89 21.78 -2.05
C VAL B 992 9.21 20.67 -3.03
N VAL B 993 8.96 19.43 -2.63
CA VAL B 993 9.34 18.25 -3.41
C VAL B 993 8.13 17.79 -4.22
N VAL B 994 8.35 17.55 -5.50
CA VAL B 994 7.29 17.18 -6.44
C VAL B 994 7.54 15.75 -6.87
N LEU B 995 6.66 14.84 -6.47
CA LEU B 995 6.74 13.45 -6.87
C LEU B 995 5.90 13.26 -8.14
N GLU B 996 5.66 12.02 -8.54
CA GLU B 996 4.75 11.73 -9.65
C GLU B 996 3.67 10.79 -9.15
N ASN B 997 2.41 11.14 -9.43
CA ASN B 997 1.31 10.29 -9.00
C ASN B 997 1.23 9.03 -9.84
N LEU B 998 0.94 7.91 -9.18
CA LEU B 998 0.93 6.61 -9.84
C LEU B 998 -0.35 6.35 -10.62
N ASN B 999 -1.36 7.22 -10.49
CA ASN B 999 -2.61 6.99 -11.20
C ASN B 999 -2.42 7.08 -12.71
N PHE B 1000 -1.59 8.00 -13.17
CA PHE B 1000 -1.42 8.26 -14.60
C PHE B 1000 -0.09 7.72 -15.09
N GLY B 1001 -0.13 6.94 -16.18
CA GLY B 1001 1.08 6.50 -16.84
C GLY B 1001 1.69 5.26 -16.22
N PHE B 1002 2.78 4.83 -16.85
CA PHE B 1002 3.56 3.68 -16.37
C PHE B 1002 4.99 3.83 -16.86
N LYS B 1003 5.91 3.12 -16.21
CA LYS B 1003 7.32 3.12 -16.55
C LYS B 1003 7.75 1.76 -17.06
N SER B 1004 8.76 1.77 -17.93
CA SER B 1004 9.20 0.58 -18.62
C SER B 1004 9.91 -0.39 -17.68
N LYS B 1005 10.10 -1.61 -18.17
CA LYS B 1005 10.81 -2.63 -17.41
C LYS B 1005 12.26 -2.25 -17.15
N ARG B 1006 12.86 -1.43 -18.02
CA ARG B 1006 14.25 -1.03 -17.84
C ARG B 1006 14.44 -0.15 -16.62
N THR B 1007 13.38 0.50 -16.12
CA THR B 1007 13.48 1.28 -14.91
C THR B 1007 13.76 0.37 -13.72
N GLY B 1008 14.47 0.91 -12.73
CA GLY B 1008 14.94 0.10 -11.62
C GLY B 1008 13.93 -0.17 -10.53
N ILE B 1009 12.76 0.48 -10.57
CA ILE B 1009 11.75 0.34 -9.53
C ILE B 1009 10.44 -0.09 -10.17
N ALA B 1010 9.80 -1.10 -9.59
CA ALA B 1010 8.51 -1.58 -10.11
C ALA B 1010 7.43 -0.52 -9.90
N GLU B 1011 6.59 -0.36 -10.91
CA GLU B 1011 5.56 0.68 -10.89
C GLU B 1011 4.43 0.31 -9.94
N LYS B 1012 4.03 1.26 -9.10
CA LYS B 1012 2.87 1.19 -8.23
C LYS B 1012 2.93 0.04 -7.23
N ALA B 1013 4.10 -0.56 -7.03
CA ALA B 1013 4.26 -1.64 -6.07
C ALA B 1013 5.14 -1.25 -4.90
N VAL B 1014 6.36 -0.78 -5.16
CA VAL B 1014 7.26 -0.34 -4.12
C VAL B 1014 7.29 1.17 -3.99
N TYR B 1015 7.18 1.88 -5.12
CA TYR B 1015 7.26 3.34 -5.09
C TYR B 1015 5.99 3.96 -4.51
N GLN B 1016 4.85 3.28 -4.64
CA GLN B 1016 3.63 3.78 -4.00
C GLN B 1016 3.78 3.78 -2.49
N GLN B 1017 4.38 2.72 -1.93
CA GLN B 1017 4.71 2.70 -0.51
C GLN B 1017 5.84 3.68 -0.18
N PHE B 1018 6.70 3.99 -1.14
CA PHE B 1018 7.74 4.99 -0.93
C PHE B 1018 7.14 6.35 -0.67
N GLU B 1019 6.10 6.73 -1.41
CA GLU B 1019 5.45 8.02 -1.17
C GLU B 1019 4.74 8.04 0.17
N LYS B 1020 4.23 6.90 0.63
CA LYS B 1020 3.64 6.84 1.97
C LYS B 1020 4.67 7.13 3.04
N MET B 1021 5.88 6.59 2.90
CA MET B 1021 6.93 6.83 3.88
C MET B 1021 7.33 8.30 3.91
N LEU B 1022 7.43 8.93 2.73
CA LEU B 1022 7.83 10.33 2.68
C LEU B 1022 6.80 11.23 3.35
N ILE B 1023 5.51 10.95 3.14
CA ILE B 1023 4.47 11.72 3.82
C ILE B 1023 4.53 11.50 5.32
N ASP B 1024 4.67 10.24 5.74
CA ASP B 1024 4.71 9.94 7.17
C ASP B 1024 5.96 10.51 7.82
N LYS B 1025 7.10 10.45 7.12
CA LYS B 1025 8.35 10.98 7.68
C LYS B 1025 8.26 12.47 7.93
N LEU B 1026 7.65 13.22 7.01
CA LEU B 1026 7.54 14.66 7.16
C LEU B 1026 6.42 15.07 8.10
N ASN B 1027 5.60 14.12 8.55
CA ASN B 1027 4.63 14.43 9.59
C ASN B 1027 5.34 14.85 10.88
N CYS B 1028 6.40 14.16 11.24
CA CYS B 1028 7.18 14.45 12.44
C CYS B 1028 8.67 14.42 12.12
N LEU B 1029 9.06 15.17 11.09
CA LEU B 1029 10.45 15.21 10.67
C LEU B 1029 11.35 15.67 11.81
N VAL B 1030 12.32 14.84 12.16
CA VAL B 1030 13.33 15.17 13.16
C VAL B 1030 14.70 14.83 12.60
N LEU B 1031 15.60 15.79 12.61
CA LEU B 1031 16.97 15.61 12.15
C LEU B 1031 17.86 15.33 13.35
N LYS B 1032 18.68 14.29 13.25
CA LYS B 1032 19.41 13.77 14.40
C LYS B 1032 20.72 14.52 14.68
N ASP B 1033 21.08 15.50 13.86
CA ASP B 1033 22.25 16.33 14.11
C ASP B 1033 21.90 17.69 14.68
N TYR B 1034 20.62 17.93 14.99
CA TYR B 1034 20.07 19.21 15.43
C TYR B 1034 19.86 19.22 16.94
N PRO B 1035 20.13 20.34 17.60
CA PRO B 1035 19.76 20.46 19.02
C PRO B 1035 18.26 20.48 19.19
N ALA B 1036 17.81 19.99 20.35
CA ALA B 1036 16.39 19.80 20.58
C ALA B 1036 15.63 21.12 20.66
N GLU B 1037 16.27 22.19 21.13
CA GLU B 1037 15.55 23.44 21.38
C GLU B 1037 15.11 24.10 20.08
N LYS B 1038 15.91 23.99 19.03
CA LYS B 1038 15.56 24.69 17.79
C LYS B 1038 14.53 23.89 17.00
N VAL B 1039 13.92 24.57 16.03
CA VAL B 1039 12.89 23.93 15.20
C VAL B 1039 13.55 22.91 14.30
N GLY B 1040 12.93 21.73 14.19
CA GLY B 1040 13.52 20.60 13.51
C GLY B 1040 14.12 19.57 14.42
N GLY B 1041 14.29 19.89 15.70
CA GLY B 1041 14.79 18.94 16.67
C GLY B 1041 13.71 18.00 17.16
N VAL B 1042 14.08 17.19 18.15
CA VAL B 1042 13.15 16.21 18.70
C VAL B 1042 11.99 16.88 19.45
N LEU B 1043 12.25 17.98 20.14
CA LEU B 1043 11.19 18.68 20.87
C LEU B 1043 10.30 19.52 19.96
N ASN B 1044 10.80 19.99 18.83
CA ASN B 1044 10.02 20.81 17.89
C ASN B 1044 10.19 20.25 16.48
N PRO B 1045 9.57 19.10 16.20
CA PRO B 1045 9.72 18.49 14.87
C PRO B 1045 9.08 19.30 13.77
N TYR B 1046 9.65 19.20 12.58
CA TYR B 1046 9.00 19.72 11.39
C TYR B 1046 7.70 18.97 11.10
N GLN B 1047 6.68 19.71 10.69
CA GLN B 1047 5.41 19.14 10.24
C GLN B 1047 5.07 19.79 8.91
N LEU B 1048 5.43 19.14 7.81
CA LEU B 1048 5.25 19.70 6.48
C LEU B 1048 4.28 18.91 5.62
N THR B 1049 3.68 17.84 6.14
CA THR B 1049 2.75 17.03 5.36
C THR B 1049 1.49 16.77 6.19
N ASP B 1050 0.36 16.74 5.50
CA ASP B 1050 -0.89 16.35 6.14
C ASP B 1050 -0.89 14.86 6.44
N GLN B 1051 -1.75 14.46 7.37
CA GLN B 1051 -1.83 13.06 7.76
C GLN B 1051 -2.27 12.21 6.57
N PHE B 1052 -1.56 11.10 6.35
CA PHE B 1052 -1.91 10.21 5.25
C PHE B 1052 -3.14 9.39 5.61
N THR B 1053 -4.13 9.39 4.72
CA THR B 1053 -5.38 8.68 4.94
C THR B 1053 -5.52 7.49 4.00
N SER B 1054 -5.39 7.70 2.69
CA SER B 1054 -5.46 6.63 1.73
C SER B 1054 -4.74 7.06 0.46
N PHE B 1055 -4.41 6.07 -0.38
CA PHE B 1055 -3.77 6.38 -1.65
C PHE B 1055 -4.71 7.14 -2.58
N ALA B 1056 -6.01 6.87 -2.51
CA ALA B 1056 -6.95 7.52 -3.40
C ALA B 1056 -7.19 8.97 -2.98
N LYS B 1057 -7.32 9.22 -1.68
CA LYS B 1057 -7.70 10.55 -1.21
C LYS B 1057 -6.61 11.59 -1.49
N MET B 1058 -5.34 11.20 -1.37
CA MET B 1058 -4.28 12.13 -1.71
C MET B 1058 -4.30 12.41 -3.21
N GLY B 1059 -4.22 13.69 -3.57
CA GLY B 1059 -4.33 14.07 -4.96
C GLY B 1059 -3.10 14.76 -5.50
N THR B 1060 -3.25 16.03 -5.85
CA THR B 1060 -2.15 16.82 -6.42
C THR B 1060 -1.31 17.51 -5.35
N GLN B 1061 -1.68 17.39 -4.09
CA GLN B 1061 -0.92 18.05 -3.03
C GLN B 1061 -1.12 17.28 -1.73
N SER B 1062 -0.03 17.12 -0.98
CA SER B 1062 -0.06 16.47 0.33
C SER B 1062 0.74 17.30 1.33
N GLY B 1063 0.49 18.61 1.33
CA GLY B 1063 1.26 19.53 2.15
C GLY B 1063 2.37 20.17 1.36
N PHE B 1064 3.62 19.88 1.74
CA PHE B 1064 4.78 20.28 0.95
C PHE B 1064 5.17 19.24 -0.08
N LEU B 1065 4.24 18.41 -0.52
CA LEU B 1065 4.45 17.44 -1.58
C LEU B 1065 3.46 17.68 -2.71
N PHE B 1066 3.93 17.57 -3.94
CA PHE B 1066 3.09 17.71 -5.12
C PHE B 1066 3.21 16.44 -5.96
N TYR B 1067 2.13 16.12 -6.66
CA TYR B 1067 2.06 14.93 -7.50
C TYR B 1067 1.60 15.37 -8.88
N VAL B 1068 2.51 15.36 -9.84
CA VAL B 1068 2.22 15.77 -11.21
C VAL B 1068 2.16 14.52 -12.09
N PRO B 1069 1.42 14.56 -13.21
CA PRO B 1069 1.34 13.36 -14.06
C PRO B 1069 2.72 12.95 -14.56
N ALA B 1070 2.98 11.64 -14.48
CA ALA B 1070 4.26 11.10 -14.95
C ALA B 1070 4.47 11.25 -16.45
N PRO B 1071 3.52 10.93 -17.33
CA PRO B 1071 3.84 10.86 -18.76
C PRO B 1071 4.21 12.22 -19.35
N TYR B 1072 4.95 12.16 -20.45
CA TYR B 1072 5.36 13.33 -21.23
C TYR B 1072 6.29 14.21 -20.40
N THR B 1073 7.30 13.59 -19.84
CA THR B 1073 8.24 14.28 -18.96
C THR B 1073 9.70 14.05 -19.33
N SER B 1074 10.07 12.83 -19.72
CA SER B 1074 11.46 12.48 -19.91
C SER B 1074 11.87 12.37 -21.38
N LYS B 1075 10.91 12.30 -22.30
CA LYS B 1075 11.22 12.18 -23.72
C LYS B 1075 10.99 13.51 -24.43
N ILE B 1076 11.30 14.62 -23.76
CA ILE B 1076 11.08 15.95 -24.29
C ILE B 1076 12.41 16.67 -24.41
N ASP B 1077 12.59 17.39 -25.50
CA ASP B 1077 13.71 18.29 -25.65
C ASP B 1077 13.61 19.39 -24.61
N PRO B 1078 14.61 19.57 -23.73
CA PRO B 1078 14.52 20.60 -22.70
C PRO B 1078 14.80 22.01 -23.20
N LEU B 1079 15.07 22.19 -24.49
CA LEU B 1079 15.30 23.52 -25.04
C LEU B 1079 14.14 24.04 -25.87
N THR B 1080 13.37 23.15 -26.50
CA THR B 1080 12.23 23.55 -27.31
C THR B 1080 10.90 23.00 -26.83
N GLY B 1081 10.90 22.05 -25.91
CA GLY B 1081 9.67 21.41 -25.49
C GLY B 1081 9.09 20.46 -26.51
N PHE B 1082 9.87 20.07 -27.52
CA PHE B 1082 9.36 19.22 -28.58
C PHE B 1082 9.20 17.79 -28.11
N VAL B 1083 8.14 17.14 -28.60
CA VAL B 1083 7.90 15.73 -28.34
C VAL B 1083 7.67 15.04 -29.69
N ASP B 1084 7.92 13.74 -29.72
CA ASP B 1084 7.73 12.97 -30.94
C ASP B 1084 6.24 12.97 -31.27
N PRO B 1085 5.80 13.66 -32.32
CA PRO B 1085 4.36 13.84 -32.54
C PRO B 1085 3.68 12.70 -33.28
N PHE B 1086 4.43 11.73 -33.78
CA PHE B 1086 3.88 10.65 -34.58
C PHE B 1086 3.93 9.35 -33.78
N VAL B 1087 2.78 8.71 -33.64
CA VAL B 1087 2.73 7.35 -33.10
C VAL B 1087 3.10 6.41 -34.24
N TRP B 1088 4.12 5.58 -34.01
CA TRP B 1088 4.66 4.76 -35.08
C TRP B 1088 3.88 3.47 -35.29
N LYS B 1089 2.84 3.22 -34.49
CA LYS B 1089 1.98 2.07 -34.70
C LYS B 1089 1.00 2.28 -35.86
N THR B 1090 0.93 3.48 -36.41
CA THR B 1090 0.03 3.77 -37.52
C THR B 1090 0.69 3.65 -38.88
N ILE B 1091 1.96 3.26 -38.95
CA ILE B 1091 2.64 2.98 -40.20
C ILE B 1091 2.93 1.49 -40.25
N LYS B 1092 2.28 0.80 -41.17
CA LYS B 1092 2.53 -0.62 -41.38
C LYS B 1092 2.78 -0.97 -42.84
N ASN B 1093 2.09 -0.33 -43.77
CA ASN B 1093 2.14 -0.66 -45.18
C ASN B 1093 2.82 0.44 -45.98
N HIS B 1094 3.05 0.15 -47.26
CA HIS B 1094 3.68 1.12 -48.14
C HIS B 1094 2.81 2.35 -48.33
N GLU B 1095 1.49 2.16 -48.43
CA GLU B 1095 0.58 3.29 -48.59
C GLU B 1095 0.61 4.20 -47.36
N SER B 1096 0.68 3.60 -46.17
CA SER B 1096 0.80 4.41 -44.96
C SER B 1096 2.11 5.17 -44.94
N ARG B 1097 3.21 4.52 -45.32
CA ARG B 1097 4.51 5.20 -45.35
C ARG B 1097 4.50 6.35 -46.34
N LYS B 1098 3.95 6.13 -47.55
CA LYS B 1098 3.90 7.19 -48.55
C LYS B 1098 2.99 8.33 -48.10
N HIS B 1099 1.82 7.99 -47.53
CA HIS B 1099 0.91 9.02 -47.07
C HIS B 1099 1.52 9.79 -45.90
N PHE B 1100 2.22 9.10 -45.01
CA PHE B 1100 2.94 9.76 -43.94
C PHE B 1100 4.03 10.68 -44.49
N LEU B 1101 4.76 10.19 -45.49
CA LEU B 1101 5.88 10.97 -46.02
C LEU B 1101 5.39 12.16 -46.83
N GLU B 1102 4.24 12.06 -47.47
CA GLU B 1102 3.73 13.15 -48.29
C GLU B 1102 3.07 14.25 -47.47
N GLY B 1103 2.84 14.03 -46.17
CA GLY B 1103 2.27 15.07 -45.33
C GLY B 1103 3.26 16.13 -44.91
N PHE B 1104 4.56 15.85 -45.00
CA PHE B 1104 5.57 16.83 -44.63
C PHE B 1104 5.63 17.95 -45.67
N ASP B 1105 6.23 19.07 -45.27
CA ASP B 1105 6.31 20.22 -46.16
C ASP B 1105 7.44 20.06 -47.16
N PHE B 1106 8.68 20.00 -46.69
CA PHE B 1106 9.82 19.86 -47.58
C PHE B 1106 11.04 19.41 -46.79
N LEU B 1107 11.83 18.53 -47.41
CA LEU B 1107 13.10 18.06 -46.87
C LEU B 1107 14.19 18.43 -47.87
N HIS B 1108 15.18 19.19 -47.42
CA HIS B 1108 16.22 19.69 -48.32
C HIS B 1108 17.58 19.68 -47.65
N TYR B 1109 18.62 19.56 -48.48
CA TYR B 1109 20.01 19.60 -48.04
C TYR B 1109 20.47 21.04 -47.95
N ASP B 1110 20.99 21.42 -46.79
CA ASP B 1110 21.63 22.73 -46.61
C ASP B 1110 23.13 22.54 -46.85
N VAL B 1111 23.62 23.03 -47.99
CA VAL B 1111 25.01 22.85 -48.33
C VAL B 1111 25.92 23.62 -47.37
N LYS B 1112 25.44 24.74 -46.84
CA LYS B 1112 26.27 25.55 -45.95
C LYS B 1112 26.59 24.81 -44.65
N THR B 1113 25.61 24.10 -44.09
CA THR B 1113 25.78 23.43 -42.80
C THR B 1113 25.86 21.92 -42.91
N GLY B 1114 25.45 21.34 -44.03
CA GLY B 1114 25.47 19.90 -44.18
C GLY B 1114 24.35 19.16 -43.48
N ASP B 1115 23.31 19.87 -43.03
CA ASP B 1115 22.19 19.26 -42.35
C ASP B 1115 21.01 19.07 -43.31
N PHE B 1116 20.04 18.29 -42.87
CA PHE B 1116 18.77 18.15 -43.57
C PHE B 1116 17.71 18.83 -42.72
N ILE B 1117 16.93 19.72 -43.33
CA ILE B 1117 15.84 20.40 -42.66
C ILE B 1117 14.54 19.81 -43.18
N LEU B 1118 13.81 19.11 -42.31
CA LEU B 1118 12.55 18.48 -42.67
C LEU B 1118 11.43 19.29 -42.02
N HIS B 1119 10.88 20.23 -42.79
CA HIS B 1119 9.83 21.09 -42.27
C HIS B 1119 8.55 20.30 -42.09
N PHE B 1120 7.80 20.63 -41.03
CA PHE B 1120 6.55 19.95 -40.74
C PHE B 1120 5.57 20.94 -40.14
N LYS B 1121 4.32 20.87 -40.60
CA LYS B 1121 3.22 21.63 -40.03
C LYS B 1121 2.31 20.67 -39.29
N MET B 1122 1.97 21.00 -38.04
CA MET B 1122 1.21 20.09 -37.21
C MET B 1122 -0.22 19.89 -37.70
N ASN B 1123 -0.69 20.71 -38.63
CA ASN B 1123 -1.99 20.47 -39.25
C ASN B 1123 -1.94 19.43 -40.35
N ARG B 1124 -0.87 18.63 -40.39
CA ARG B 1124 -0.73 17.55 -41.35
C ARG B 1124 -0.43 16.25 -40.59
N ASN B 1125 -0.70 15.13 -41.26
CA ASN B 1125 -0.50 13.79 -40.70
C ASN B 1125 -1.25 13.63 -39.37
N LEU B 1126 -2.50 14.09 -39.34
CA LEU B 1126 -3.31 13.95 -38.13
C LEU B 1126 -3.58 12.49 -37.80
N SER B 1127 -3.85 11.67 -38.82
CA SER B 1127 -4.15 10.27 -38.57
C SER B 1127 -2.97 9.53 -37.95
N PHE B 1128 -1.75 10.01 -38.18
CA PHE B 1128 -0.56 9.41 -37.61
C PHE B 1128 -0.08 10.11 -36.34
N GLN B 1129 -0.84 11.08 -35.85
CA GLN B 1129 -0.45 11.87 -34.70
C GLN B 1129 -1.13 11.36 -33.44
N ARG B 1130 -0.72 11.94 -32.31
CA ARG B 1130 -1.17 11.55 -30.99
C ARG B 1130 -2.23 12.48 -30.41
N GLY B 1131 -2.70 13.45 -31.18
CA GLY B 1131 -3.78 14.31 -30.74
C GLY B 1131 -3.40 15.35 -29.73
N LEU B 1132 -2.11 15.71 -29.66
CA LEU B 1132 -1.62 16.76 -28.75
C LEU B 1132 -0.81 17.75 -29.56
N PRO B 1133 -1.46 18.74 -30.16
CA PRO B 1133 -0.73 19.72 -30.98
C PRO B 1133 0.19 20.60 -30.16
N GLY B 1134 -0.31 21.17 -29.07
CA GLY B 1134 0.50 22.08 -28.30
C GLY B 1134 0.78 23.37 -29.04
N PHE B 1135 1.78 24.09 -28.56
CA PHE B 1135 2.23 25.31 -29.20
C PHE B 1135 3.14 24.96 -30.37
N MET B 1136 3.71 26.00 -31.01
CA MET B 1136 4.57 25.84 -32.18
C MET B 1136 3.91 25.01 -33.27
N PRO B 1137 2.98 25.59 -34.03
CA PRO B 1137 2.30 24.83 -35.09
C PRO B 1137 3.24 24.28 -36.15
N ALA B 1138 4.48 24.75 -36.23
CA ALA B 1138 5.44 24.25 -37.19
C ALA B 1138 6.73 23.87 -36.47
N TRP B 1139 7.42 22.87 -37.00
CA TRP B 1139 8.70 22.41 -36.47
C TRP B 1139 9.67 22.21 -37.61
N ASP B 1140 10.96 22.23 -37.26
CA ASP B 1140 12.05 22.04 -38.22
C ASP B 1140 12.91 20.88 -37.76
N ILE B 1141 12.54 19.67 -38.16
CA ILE B 1141 13.34 18.49 -37.81
C ILE B 1141 14.67 18.57 -38.56
N VAL B 1142 15.76 18.40 -37.84
CA VAL B 1142 17.10 18.59 -38.38
C VAL B 1142 17.85 17.27 -38.31
N PHE B 1143 18.32 16.80 -39.46
CA PHE B 1143 19.24 15.67 -39.53
C PHE B 1143 20.64 16.22 -39.36
N GLU B 1144 21.09 16.32 -38.10
CA GLU B 1144 22.34 17.00 -37.80
C GLU B 1144 23.51 16.32 -38.50
N LYS B 1145 24.37 17.13 -39.11
CA LYS B 1145 25.58 16.59 -39.73
C LYS B 1145 26.48 16.00 -38.66
N ASN B 1146 26.95 14.77 -38.90
CA ASN B 1146 27.75 14.08 -37.90
C ASN B 1146 29.15 14.66 -37.83
N GLU B 1147 29.57 15.05 -36.63
CA GLU B 1147 30.88 15.64 -36.42
C GLU B 1147 31.37 15.23 -35.03
N THR B 1148 32.69 15.15 -34.90
CA THR B 1148 33.30 14.71 -33.64
C THR B 1148 33.33 15.87 -32.64
N GLN B 1149 32.15 16.21 -32.15
CA GLN B 1149 32.01 17.28 -31.17
C GLN B 1149 32.64 16.88 -29.84
N PHE B 1150 33.11 17.89 -29.11
CA PHE B 1150 33.75 17.69 -27.82
C PHE B 1150 32.90 18.28 -26.70
N ASP B 1151 32.85 17.58 -25.58
CA ASP B 1151 32.04 18.01 -24.44
C ASP B 1151 32.83 18.99 -23.58
N ALA B 1152 32.31 19.29 -22.39
CA ALA B 1152 33.03 20.16 -21.46
C ALA B 1152 34.35 19.52 -21.03
N LYS B 1153 34.34 18.21 -20.77
CA LYS B 1153 35.56 17.49 -20.44
C LYS B 1153 36.48 17.31 -21.63
N GLY B 1154 36.00 17.60 -22.84
CA GLY B 1154 36.80 17.43 -24.04
C GLY B 1154 36.76 16.04 -24.66
N THR B 1155 35.94 15.14 -24.14
CA THR B 1155 35.85 13.80 -24.69
C THR B 1155 35.26 13.84 -26.09
N PRO B 1156 35.69 12.96 -26.99
CA PRO B 1156 35.14 12.98 -28.36
C PRO B 1156 33.84 12.20 -28.45
N PHE B 1157 32.86 12.81 -29.09
CA PHE B 1157 31.59 12.15 -29.37
C PHE B 1157 31.06 12.68 -30.69
N ILE B 1158 30.36 11.81 -31.42
CA ILE B 1158 29.85 12.16 -32.74
C ILE B 1158 28.43 12.70 -32.62
N ALA B 1159 28.21 13.88 -33.21
CA ALA B 1159 26.91 14.52 -33.12
C ALA B 1159 25.89 13.80 -33.99
N GLY B 1160 24.64 13.76 -33.52
CA GLY B 1160 23.57 13.14 -34.26
C GLY B 1160 23.51 11.63 -34.17
N LYS B 1161 24.42 11.00 -33.43
CA LYS B 1161 24.40 9.55 -33.29
C LYS B 1161 23.12 9.10 -32.60
N ARG B 1162 22.48 8.09 -33.17
CA ARG B 1162 21.25 7.55 -32.63
C ARG B 1162 21.37 6.04 -32.49
N ILE B 1163 20.87 5.51 -31.38
CA ILE B 1163 20.85 4.08 -31.12
C ILE B 1163 19.46 3.57 -31.44
N VAL B 1164 19.36 2.74 -32.48
CA VAL B 1164 18.09 2.20 -32.94
C VAL B 1164 18.06 0.70 -32.65
N PRO B 1165 17.00 0.17 -32.05
CA PRO B 1165 16.92 -1.26 -31.76
C PRO B 1165 16.19 -2.11 -32.80
N VAL B 1166 15.69 -1.50 -33.87
CA VAL B 1166 14.87 -2.22 -34.84
C VAL B 1166 15.74 -3.23 -35.58
N ILE B 1167 15.56 -4.51 -35.26
CA ILE B 1167 16.25 -5.59 -35.94
C ILE B 1167 15.29 -6.48 -36.72
N GLU B 1168 14.12 -6.75 -36.16
CA GLU B 1168 13.11 -7.57 -36.81
C GLU B 1168 11.75 -6.90 -36.67
N ASN B 1169 10.83 -7.27 -37.56
CA ASN B 1169 9.49 -6.69 -37.52
C ASN B 1169 8.77 -7.05 -36.24
N HIS B 1170 8.89 -8.30 -35.79
CA HIS B 1170 8.22 -8.71 -34.56
C HIS B 1170 9.02 -8.35 -33.32
N ARG B 1171 10.34 -8.47 -33.39
CA ARG B 1171 11.23 -8.15 -32.28
C ARG B 1171 11.92 -6.82 -32.61
N PHE B 1172 11.46 -5.75 -31.96
CA PHE B 1172 11.97 -4.41 -32.23
C PHE B 1172 13.08 -3.99 -31.26
N THR B 1173 13.46 -4.85 -30.32
CA THR B 1173 14.54 -4.53 -29.38
C THR B 1173 15.42 -5.78 -29.20
N GLY B 1174 15.75 -6.43 -30.31
CA GLY B 1174 16.63 -7.58 -30.24
C GLY B 1174 18.03 -7.22 -29.81
N ARG B 1175 18.59 -6.16 -30.39
CA ARG B 1175 19.93 -5.70 -30.03
C ARG B 1175 20.08 -4.25 -30.51
N TYR B 1176 20.77 -3.45 -29.71
CA TYR B 1176 20.95 -2.05 -30.02
C TYR B 1176 21.98 -1.89 -31.13
N ARG B 1177 21.68 -1.02 -32.09
CA ARG B 1177 22.50 -0.85 -33.29
C ARG B 1177 22.81 0.63 -33.50
N ASP B 1178 24.07 0.92 -33.83
CA ASP B 1178 24.47 2.28 -34.14
C ASP B 1178 23.87 2.73 -35.47
N LEU B 1179 23.52 4.00 -35.55
CA LEU B 1179 22.91 4.55 -36.75
C LEU B 1179 23.13 6.06 -36.78
N TYR B 1180 23.46 6.56 -37.97
CA TYR B 1180 23.69 8.00 -38.17
C TYR B 1180 22.71 8.50 -39.22
N PRO B 1181 21.65 9.22 -38.83
CA PRO B 1181 20.64 9.61 -39.81
C PRO B 1181 21.18 10.44 -40.97
N ALA B 1182 22.15 11.32 -40.71
CA ALA B 1182 22.67 12.17 -41.78
C ALA B 1182 23.50 11.37 -42.78
N ASN B 1183 24.42 10.55 -42.28
CA ASN B 1183 25.31 9.81 -43.19
C ASN B 1183 24.54 8.77 -44.00
N GLU B 1184 23.61 8.06 -43.36
CA GLU B 1184 22.89 7.00 -44.06
C GLU B 1184 21.97 7.57 -45.13
N LEU B 1185 21.35 8.72 -44.87
CA LEU B 1185 20.41 9.28 -45.84
C LEU B 1185 21.14 9.87 -47.03
N ILE B 1186 22.33 10.43 -46.81
CA ILE B 1186 23.18 10.83 -47.94
C ILE B 1186 23.59 9.61 -48.75
N ALA B 1187 23.97 8.54 -48.06
CA ALA B 1187 24.35 7.31 -48.76
C ALA B 1187 23.17 6.71 -49.50
N LEU B 1188 21.98 6.71 -48.87
CA LEU B 1188 20.80 6.17 -49.53
C LEU B 1188 20.45 6.95 -50.78
N LEU B 1189 20.54 8.28 -50.71
CA LEU B 1189 20.22 9.10 -51.87
C LEU B 1189 21.25 8.93 -52.99
N GLU B 1190 22.52 8.74 -52.63
CA GLU B 1190 23.54 8.53 -53.65
C GLU B 1190 23.29 7.24 -54.42
N GLU B 1191 22.89 6.17 -53.73
CA GLU B 1191 22.57 4.92 -54.40
C GLU B 1191 21.39 5.09 -55.36
N LYS B 1192 20.37 5.83 -54.92
CA LYS B 1192 19.19 6.01 -55.75
C LYS B 1192 19.44 6.96 -56.91
N GLY B 1193 20.61 7.59 -56.97
CA GLY B 1193 20.89 8.55 -58.02
C GLY B 1193 20.26 9.91 -57.82
N ILE B 1194 19.72 10.17 -56.62
CA ILE B 1194 19.05 11.44 -56.35
C ILE B 1194 20.08 12.54 -56.15
N VAL B 1195 19.96 13.59 -56.94
CA VAL B 1195 20.82 14.77 -56.76
C VAL B 1195 20.15 15.71 -55.76
N PHE B 1196 20.89 16.08 -54.72
CA PHE B 1196 20.34 16.92 -53.67
C PHE B 1196 21.26 18.04 -53.22
N ARG B 1197 22.48 18.14 -53.75
CA ARG B 1197 23.36 19.24 -53.37
C ARG B 1197 22.87 20.59 -53.85
N ASP B 1198 21.92 20.61 -54.78
CA ASP B 1198 21.34 21.87 -55.25
C ASP B 1198 20.41 22.51 -54.23
N GLY B 1199 20.06 21.80 -53.16
CA GLY B 1199 19.14 22.34 -52.17
C GLY B 1199 17.68 22.20 -52.50
N SER B 1200 17.34 21.54 -53.60
CA SER B 1200 15.95 21.37 -53.97
C SER B 1200 15.27 20.35 -53.05
N ASN B 1201 13.94 20.36 -53.08
CA ASN B 1201 13.16 19.44 -52.26
C ASN B 1201 13.44 17.99 -52.66
N ILE B 1202 13.46 17.12 -51.66
CA ILE B 1202 13.83 15.72 -51.86
C ILE B 1202 12.61 14.80 -51.81
N LEU B 1203 11.63 15.12 -50.95
CA LEU B 1203 10.48 14.25 -50.79
C LEU B 1203 9.69 14.02 -52.07
N PRO B 1204 9.37 15.03 -52.89
CA PRO B 1204 8.65 14.72 -54.15
C PRO B 1204 9.41 13.77 -55.06
N LYS B 1205 10.73 13.88 -55.13
CA LYS B 1205 11.48 12.99 -55.98
C LYS B 1205 11.50 11.58 -55.40
N LEU B 1206 11.49 11.46 -54.07
CA LEU B 1206 11.36 10.15 -53.45
C LEU B 1206 10.05 9.47 -53.83
N LEU B 1207 8.96 10.24 -53.86
CA LEU B 1207 7.65 9.65 -54.12
C LEU B 1207 7.52 9.19 -55.57
N GLU B 1208 8.11 9.94 -56.51
CA GLU B 1208 7.89 9.63 -57.92
C GLU B 1208 8.65 8.38 -58.37
N ASN B 1209 9.81 8.10 -57.79
CA ASN B 1209 10.53 6.88 -58.13
C ASN B 1209 9.81 5.65 -57.59
N ASP B 1210 9.06 5.82 -56.49
CA ASP B 1210 8.24 4.75 -55.91
C ASP B 1210 9.07 3.51 -55.59
N ASP B 1211 10.28 3.73 -55.07
CA ASP B 1211 11.13 2.64 -54.62
C ASP B 1211 10.68 2.20 -53.24
N SER B 1212 10.21 0.95 -53.13
CA SER B 1212 9.69 0.46 -51.86
C SER B 1212 10.78 0.42 -50.79
N HIS B 1213 11.98 -0.02 -51.16
CA HIS B 1213 13.07 -0.08 -50.19
C HIS B 1213 13.49 1.32 -49.74
N ALA B 1214 13.54 2.27 -50.67
CA ALA B 1214 13.95 3.63 -50.31
C ALA B 1214 12.94 4.28 -49.37
N ILE B 1215 11.65 4.05 -49.61
CA ILE B 1215 10.62 4.64 -48.75
C ILE B 1215 10.72 4.06 -47.34
N ASP B 1216 10.93 2.75 -47.22
CA ASP B 1216 11.08 2.14 -45.91
C ASP B 1216 12.30 2.70 -45.18
N THR B 1217 13.41 2.86 -45.89
CA THR B 1217 14.60 3.45 -45.28
C THR B 1217 14.37 4.93 -44.94
N MET B 1218 13.60 5.63 -45.78
CA MET B 1218 13.27 7.02 -45.49
C MET B 1218 12.48 7.15 -44.20
N VAL B 1219 11.47 6.31 -44.01
CA VAL B 1219 10.67 6.37 -42.78
C VAL B 1219 11.48 5.88 -41.59
N ALA B 1220 12.27 4.81 -41.78
CA ALA B 1220 13.05 4.27 -40.68
C ALA B 1220 14.07 5.27 -40.17
N LEU B 1221 14.54 6.17 -41.04
CA LEU B 1221 15.48 7.19 -40.59
C LEU B 1221 14.76 8.31 -39.84
N ILE B 1222 13.51 8.60 -40.21
CA ILE B 1222 12.69 9.52 -39.43
C ILE B 1222 12.38 8.92 -38.07
N ARG B 1223 12.20 7.60 -38.01
CA ARG B 1223 12.10 6.90 -36.74
C ARG B 1223 13.28 7.25 -35.83
N SER B 1224 14.49 7.18 -36.38
CA SER B 1224 15.69 7.32 -35.57
C SER B 1224 15.90 8.76 -35.13
N VAL B 1225 15.68 9.73 -36.03
CA VAL B 1225 15.98 11.12 -35.70
C VAL B 1225 14.99 11.64 -34.65
N LEU B 1226 13.73 11.23 -34.73
CA LEU B 1226 12.75 11.66 -33.74
C LEU B 1226 12.96 10.97 -32.39
N GLN B 1227 13.82 9.97 -32.32
CA GLN B 1227 14.11 9.27 -31.07
C GLN B 1227 15.21 10.02 -30.34
N MET B 1228 14.84 10.77 -29.30
CA MET B 1228 15.79 11.57 -28.53
C MET B 1228 16.52 10.73 -27.49
N ARG B 1229 15.76 9.95 -26.72
CA ARG B 1229 16.33 9.16 -25.63
C ARG B 1229 17.07 7.96 -26.23
N ASN B 1230 18.39 8.09 -26.36
CA ASN B 1230 19.23 7.02 -26.87
C ASN B 1230 20.03 6.43 -25.71
N SER B 1231 19.86 5.12 -25.49
CA SER B 1231 20.49 4.44 -24.37
C SER B 1231 21.24 3.22 -24.88
N ASN B 1232 22.29 2.83 -24.16
CA ASN B 1232 23.07 1.63 -24.47
C ASN B 1232 23.73 1.19 -23.16
N ALA B 1233 23.21 0.11 -22.57
CA ALA B 1233 23.71 -0.34 -21.27
C ALA B 1233 25.16 -0.81 -21.36
N ALA B 1234 25.50 -1.53 -22.43
CA ALA B 1234 26.84 -2.10 -22.53
C ALA B 1234 27.92 -1.03 -22.62
N THR B 1235 27.68 0.01 -23.43
CA THR B 1235 28.66 1.06 -23.65
C THR B 1235 28.51 2.24 -22.70
N GLY B 1236 27.50 2.22 -21.83
CA GLY B 1236 27.31 3.29 -20.86
C GLY B 1236 26.98 4.64 -21.47
N GLU B 1237 26.07 4.67 -22.44
CA GLU B 1237 25.61 5.92 -23.05
C GLU B 1237 24.11 6.04 -22.80
N ASP B 1238 23.70 7.15 -22.20
CA ASP B 1238 22.29 7.44 -21.93
C ASP B 1238 21.99 8.90 -22.25
N TYR B 1239 22.46 9.37 -23.40
CA TYR B 1239 22.31 10.76 -23.77
C TYR B 1239 20.96 11.00 -24.44
N ILE B 1240 20.59 12.28 -24.54
CA ILE B 1240 19.38 12.71 -25.23
C ILE B 1240 19.76 13.80 -26.23
N ASN B 1241 19.27 13.65 -27.46
CA ASN B 1241 19.61 14.55 -28.56
C ASN B 1241 18.32 15.14 -29.14
N SER B 1242 18.27 16.46 -29.19
CA SER B 1242 17.10 17.13 -29.75
C SER B 1242 17.08 16.99 -31.27
N PRO B 1243 15.90 16.78 -31.86
CA PRO B 1243 15.81 16.72 -33.32
C PRO B 1243 15.53 18.07 -33.94
N VAL B 1244 15.15 19.05 -33.12
CA VAL B 1244 14.73 20.36 -33.61
C VAL B 1244 15.60 21.44 -32.96
N ARG B 1245 15.80 22.52 -33.71
CA ARG B 1245 16.65 23.61 -33.26
C ARG B 1245 15.90 24.49 -32.25
N ASP B 1246 16.68 25.12 -31.37
CA ASP B 1246 16.12 26.02 -30.36
C ASP B 1246 16.06 27.44 -30.92
N LEU B 1247 15.76 28.41 -30.07
CA LEU B 1247 15.68 29.80 -30.52
C LEU B 1247 17.07 30.37 -30.80
N ASN B 1248 18.09 29.93 -30.05
CA ASN B 1248 19.47 30.28 -30.41
C ASN B 1248 19.83 29.70 -31.77
N GLY B 1249 19.44 28.46 -32.03
CA GLY B 1249 19.72 27.83 -33.30
C GLY B 1249 20.66 26.64 -33.19
N VAL B 1250 20.72 26.04 -32.00
CA VAL B 1250 21.57 24.88 -31.74
C VAL B 1250 20.72 23.75 -31.20
N CYS B 1251 20.85 22.57 -31.80
CA CYS B 1251 20.12 21.41 -31.32
C CYS B 1251 20.71 20.93 -30.00
N PHE B 1252 19.84 20.59 -29.06
CA PHE B 1252 20.27 20.16 -27.74
C PHE B 1252 20.95 18.80 -27.82
N ASP B 1253 22.05 18.65 -27.09
CA ASP B 1253 22.78 17.39 -27.00
C ASP B 1253 23.30 17.26 -25.58
N SER B 1254 22.74 16.32 -24.82
CA SER B 1254 23.11 16.17 -23.41
C SER B 1254 24.53 15.68 -23.23
N ARG B 1255 25.19 15.18 -24.28
CA ARG B 1255 26.57 14.76 -24.15
C ARG B 1255 27.51 15.93 -23.94
N PHE B 1256 27.06 17.15 -24.22
CA PHE B 1256 27.89 18.33 -23.97
C PHE B 1256 28.15 18.55 -22.48
N GLN B 1257 27.32 17.95 -21.61
CA GLN B 1257 27.49 18.02 -20.16
C GLN B 1257 27.49 19.46 -19.67
N ASN B 1258 26.58 20.27 -20.20
CA ASN B 1258 26.40 21.63 -19.70
C ASN B 1258 25.63 21.58 -18.39
N PRO B 1259 26.15 22.14 -17.30
CA PRO B 1259 25.42 22.07 -16.02
C PRO B 1259 24.03 22.70 -16.06
N GLU B 1260 23.83 23.75 -16.87
CA GLU B 1260 22.55 24.44 -16.90
C GLU B 1260 21.42 23.59 -17.48
N TRP B 1261 21.73 22.48 -18.11
CA TRP B 1261 20.77 21.60 -18.76
C TRP B 1261 21.01 20.17 -18.30
N PRO B 1262 20.01 19.29 -18.46
CA PRO B 1262 20.17 17.92 -17.95
C PRO B 1262 21.37 17.21 -18.54
N MET B 1263 22.07 16.46 -17.67
CA MET B 1263 23.29 15.77 -18.08
C MET B 1263 23.02 14.52 -18.91
N ASP B 1264 22.04 13.71 -18.53
CA ASP B 1264 21.76 12.47 -19.26
C ASP B 1264 20.25 12.31 -19.38
N ALA B 1265 19.82 11.18 -19.93
CA ALA B 1265 18.40 10.96 -20.20
C ALA B 1265 17.59 10.96 -18.91
N ASP B 1266 18.11 10.32 -17.86
CA ASP B 1266 17.40 10.29 -16.59
C ASP B 1266 17.31 11.67 -15.97
N ALA B 1267 18.30 12.53 -16.28
CA ALA B 1267 18.28 13.89 -15.76
C ALA B 1267 17.12 14.69 -16.33
N ASN B 1268 16.73 14.40 -17.57
CA ASN B 1268 15.68 15.18 -18.22
C ASN B 1268 14.35 14.98 -17.52
N GLY B 1269 14.06 13.75 -17.09
CA GLY B 1269 12.77 13.48 -16.47
C GLY B 1269 12.56 14.20 -15.16
N ALA B 1270 13.56 14.15 -14.27
CA ALA B 1270 13.43 14.81 -12.99
C ALA B 1270 13.31 16.32 -13.15
N TYR B 1271 13.93 16.86 -14.21
CA TYR B 1271 13.84 18.29 -14.48
C TYR B 1271 12.42 18.71 -14.82
N HIS B 1272 11.72 17.91 -15.64
CA HIS B 1272 10.39 18.31 -16.08
C HIS B 1272 9.31 18.01 -15.05
N ILE B 1273 9.53 17.04 -14.16
CA ILE B 1273 8.62 16.87 -13.04
C ILE B 1273 8.67 18.09 -12.13
N ALA B 1274 9.87 18.61 -11.89
CA ALA B 1274 9.98 19.89 -11.18
C ALA B 1274 9.34 21.01 -12.00
N LEU B 1275 9.50 20.97 -13.32
CA LEU B 1275 8.86 21.97 -14.18
C LEU B 1275 7.34 21.84 -14.14
N LYS B 1276 6.83 20.61 -14.07
CA LYS B 1276 5.39 20.42 -13.92
C LYS B 1276 4.91 20.96 -12.57
N GLY B 1277 5.78 20.95 -11.57
CA GLY B 1277 5.44 21.56 -10.29
C GLY B 1277 5.27 23.06 -10.41
N GLN B 1278 6.08 23.70 -11.25
CA GLN B 1278 5.92 25.14 -11.50
C GLN B 1278 4.56 25.45 -12.08
N LEU B 1279 4.08 24.63 -13.02
CA LEU B 1279 2.79 24.86 -13.63
C LEU B 1279 1.67 24.81 -12.60
N LEU B 1280 1.82 23.95 -11.60
CA LEU B 1280 0.86 23.91 -10.50
C LEU B 1280 0.91 25.19 -9.67
N LEU B 1281 2.12 25.65 -9.35
CA LEU B 1281 2.26 26.86 -8.54
C LEU B 1281 2.00 28.12 -9.35
N ASN B 1282 2.37 28.11 -10.64
CA ASN B 1282 2.11 29.29 -11.47
C ASN B 1282 0.62 29.55 -11.58
N HIS B 1283 -0.17 28.49 -11.72
CA HIS B 1283 -1.62 28.65 -11.65
C HIS B 1283 -2.08 28.99 -10.23
N LEU B 1284 -1.37 28.47 -9.23
CA LEU B 1284 -1.73 28.75 -7.85
C LEU B 1284 -1.57 30.22 -7.51
N LYS B 1285 -0.46 30.83 -7.94
CA LYS B 1285 -0.21 32.22 -7.60
C LYS B 1285 -1.24 33.14 -8.25
N GLU B 1286 -1.56 32.90 -9.53
CA GLU B 1286 -2.54 33.74 -10.21
C GLU B 1286 -3.96 33.45 -9.76
N SER B 1287 -4.24 32.26 -9.24
CA SER B 1287 -5.58 31.92 -8.80
C SER B 1287 -5.95 32.72 -7.56
N LYS B 1288 -7.21 33.16 -7.52
CA LYS B 1288 -7.69 33.89 -6.34
C LYS B 1288 -7.93 32.95 -5.17
N ASP B 1289 -8.48 31.76 -5.44
CA ASP B 1289 -8.76 30.80 -4.39
C ASP B 1289 -7.50 30.01 -4.03
N LEU B 1290 -7.52 29.43 -2.83
CA LEU B 1290 -6.42 28.59 -2.36
C LEU B 1290 -6.67 27.13 -2.72
N LYS B 1291 -6.76 26.88 -4.03
CA LYS B 1291 -7.04 25.55 -4.56
C LYS B 1291 -6.07 25.24 -5.68
N LEU B 1292 -6.08 23.98 -6.12
CA LEU B 1292 -5.22 23.52 -7.20
C LEU B 1292 -6.03 22.67 -8.16
N GLN B 1293 -5.56 22.61 -9.41
CA GLN B 1293 -6.24 21.85 -10.43
C GLN B 1293 -6.15 20.35 -10.15
N ASN B 1294 -7.20 19.62 -10.52
CA ASN B 1294 -7.26 18.17 -10.34
C ASN B 1294 -6.47 17.50 -11.45
N GLY B 1295 -5.15 17.64 -11.36
CA GLY B 1295 -4.25 17.08 -12.36
C GLY B 1295 -3.98 18.05 -13.50
N ILE B 1296 -2.91 17.76 -14.24
CA ILE B 1296 -2.47 18.57 -15.37
C ILE B 1296 -2.70 17.77 -16.64
N SER B 1297 -3.44 18.36 -17.58
CA SER B 1297 -3.66 17.71 -18.86
C SER B 1297 -2.34 17.61 -19.63
N ASN B 1298 -2.19 16.51 -20.38
CA ASN B 1298 -0.97 16.32 -21.17
C ASN B 1298 -0.84 17.40 -22.23
N GLN B 1299 -1.93 17.74 -22.91
CA GLN B 1299 -1.88 18.81 -23.89
C GLN B 1299 -1.62 20.16 -23.23
N ASP B 1300 -2.24 20.42 -22.09
CA ASP B 1300 -2.03 21.68 -21.39
C ASP B 1300 -0.59 21.81 -20.92
N TRP B 1301 -0.01 20.71 -20.42
CA TRP B 1301 1.40 20.74 -20.03
C TRP B 1301 2.29 20.97 -21.25
N LEU B 1302 1.99 20.30 -22.36
CA LEU B 1302 2.80 20.47 -23.57
C LEU B 1302 2.68 21.90 -24.10
N ALA B 1303 1.47 22.45 -24.09
CA ALA B 1303 1.29 23.83 -24.54
C ALA B 1303 2.03 24.81 -23.65
N TYR B 1304 2.03 24.56 -22.34
CA TYR B 1304 2.73 25.44 -21.41
C TYR B 1304 4.24 25.36 -21.60
N ILE B 1305 4.78 24.14 -21.70
CA ILE B 1305 6.24 23.99 -21.79
C ILE B 1305 6.74 24.47 -23.15
N GLN B 1306 6.00 24.20 -24.23
CA GLN B 1306 6.46 24.62 -25.54
C GLN B 1306 6.46 26.14 -25.68
N GLU B 1307 5.56 26.82 -24.98
CA GLU B 1307 5.57 28.28 -24.98
C GLU B 1307 6.69 28.83 -24.12
N LEU B 1308 6.97 28.18 -22.98
CA LEU B 1308 7.96 28.70 -22.05
C LEU B 1308 9.38 28.59 -22.62
N ARG B 1309 9.69 27.44 -23.23
CA ARG B 1309 11.04 27.24 -23.76
C ARG B 1309 11.34 28.12 -24.97
N ASN B 1310 10.33 28.76 -25.54
CA ASN B 1310 10.53 29.68 -26.65
C ASN B 1310 10.90 31.07 -26.13
#